data_5GOM
#
_entry.id   5GOM
#
_cell.length_a   146.108
_cell.length_b   45.982
_cell.length_c   146.180
_cell.angle_alpha   90.00
_cell.angle_beta   92.23
_cell.angle_gamma   90.00
#
_symmetry.space_group_name_H-M   'C 1 2 1'
#
loop_
_entity.id
_entity.type
_entity.pdbx_description
1 polymer Mitofusin-1
2 non-polymer "GUANOSINE-5'-DIPHOSPHATE"
3 non-polymer 2,3-DIHYDROXY-1,4-DITHIOBUTANE
4 water water
#
_entity_poly.entity_id   1
_entity_poly.type   'polypeptide(L)'
_entity_poly.pdbx_seq_one_letter_code
;GPHMGGSMAEPVSPLKHFVLAKKAITAIFDQLLEFVTEGSHFVEATYKNPELDRIATEDDLVEMQGYKDKLSIIGEVLSR
RHMKVAFFGRTSSGKSSVINAMLWDKVLPSGIGHITNCFLSVEGTDGDKAYLMTEGSDEKKSVKTVNQLAHALHMDKDLK
AGCLVRVFWPKAKCALLRDDLVLVDSPGTDVTTELDSWIDKFCLDADVFVLVANSESTLMNTEKHFFHKVNERLSKPNIF
ILNNRWDASASEPEYMEDVRRQHMERCLHFLVEELKVVNALEAQNRIFFVSAKEVLSARKQKAQGMPESGVALAEGFHAR
LQEFQNFEQIFEECISQSAVKTKFEQHTIRAKQILATVKNIMDSVNLAAEDKRHYSARLPKEIDQLEKIQNNSKLLRNKA
VQLENELENFTKQFLPSSNEES
;
_entity_poly.pdbx_strand_id   A,B
#
loop_
_chem_comp.id
_chem_comp.type
_chem_comp.name
_chem_comp.formula
DTT non-polymer 2,3-DIHYDROXY-1,4-DITHIOBUTANE 'C4 H10 O2 S2'
GDP RNA linking GUANOSINE-5'-DIPHOSPHATE 'C10 H15 N5 O11 P2'
#
# COMPACT_ATOMS: atom_id res chain seq x y z
N GLU A 10 -10.03 25.01 -27.08
CA GLU A 10 -10.81 26.03 -26.39
C GLU A 10 -11.24 25.55 -25.00
N PRO A 11 -10.28 25.38 -24.08
CA PRO A 11 -10.64 24.90 -22.74
C PRO A 11 -11.36 25.95 -21.92
N VAL A 12 -12.70 25.92 -21.95
CA VAL A 12 -13.49 26.73 -21.04
C VAL A 12 -13.49 26.03 -19.69
N SER A 13 -12.38 26.13 -18.96
CA SER A 13 -12.26 25.45 -17.69
C SER A 13 -13.26 26.05 -16.71
N PRO A 14 -14.10 25.26 -16.07
CA PRO A 14 -15.17 25.83 -15.22
C PRO A 14 -14.66 26.65 -14.06
N LEU A 15 -13.34 26.66 -13.81
CA LEU A 15 -12.82 27.52 -12.75
C LEU A 15 -13.06 28.98 -13.06
N LYS A 16 -13.21 29.30 -14.35
CA LYS A 16 -13.40 30.68 -14.77
C LYS A 16 -14.67 31.30 -14.22
N HIS A 17 -15.69 30.49 -13.90
CA HIS A 17 -16.84 31.01 -13.17
C HIS A 17 -16.42 31.74 -11.91
N PHE A 18 -15.42 31.22 -11.21
CA PHE A 18 -14.91 31.88 -10.00
C PHE A 18 -14.01 33.05 -10.35
N VAL A 19 -13.21 32.94 -11.40
CA VAL A 19 -12.39 34.08 -11.80
C VAL A 19 -13.28 35.24 -12.18
N LEU A 20 -14.34 34.95 -12.93
CA LEU A 20 -15.35 35.93 -13.30
C LEU A 20 -15.97 36.58 -12.08
N ALA A 21 -16.54 35.77 -11.19
CA ALA A 21 -17.19 36.33 -10.01
C ALA A 21 -16.25 37.22 -9.23
N LYS A 22 -15.04 36.72 -8.97
CA LYS A 22 -14.04 37.50 -8.23
C LYS A 22 -13.79 38.83 -8.91
N LYS A 23 -13.74 38.83 -10.24
CA LYS A 23 -13.55 40.07 -10.98
C LYS A 23 -14.74 41.01 -10.76
N ALA A 24 -15.96 40.46 -10.85
CA ALA A 24 -17.16 41.26 -10.71
C ALA A 24 -17.25 41.87 -9.31
N ILE A 25 -17.06 41.06 -8.27
CA ILE A 25 -17.26 41.58 -6.93
C ILE A 25 -16.14 42.52 -6.57
N THR A 26 -15.00 42.42 -7.25
CA THR A 26 -13.94 43.39 -7.03
C THR A 26 -14.27 44.71 -7.70
N ALA A 27 -14.81 44.66 -8.92
CA ALA A 27 -15.21 45.88 -9.62
C ALA A 27 -16.25 46.66 -8.82
N ILE A 28 -17.28 45.97 -8.34
CA ILE A 28 -18.31 46.61 -7.53
C ILE A 28 -17.69 47.22 -6.27
N PHE A 29 -16.76 46.52 -5.62
CA PHE A 29 -16.18 47.04 -4.39
C PHE A 29 -15.23 48.19 -4.66
N ASP A 30 -14.65 48.29 -5.84
CA ASP A 30 -13.80 49.43 -6.11
C ASP A 30 -14.63 50.68 -6.39
N GLN A 31 -15.68 50.54 -7.20
CA GLN A 31 -16.65 51.61 -7.35
C GLN A 31 -17.22 52.05 -6.02
N LEU A 32 -17.39 51.11 -5.10
CA LEU A 32 -18.00 51.41 -3.81
C LEU A 32 -17.04 52.20 -2.93
N LEU A 33 -15.76 51.82 -2.92
CA LEU A 33 -14.75 52.61 -2.24
C LEU A 33 -14.73 54.04 -2.77
N GLU A 34 -14.79 54.20 -4.10
CA GLU A 34 -14.87 55.54 -4.67
C GLU A 34 -16.13 56.24 -4.20
N PHE A 35 -17.29 55.59 -4.36
CA PHE A 35 -18.56 56.21 -3.99
C PHE A 35 -18.56 56.69 -2.54
N VAL A 36 -17.90 55.96 -1.65
CA VAL A 36 -17.96 56.38 -0.25
C VAL A 36 -16.89 57.43 0.03
N THR A 37 -15.84 57.49 -0.79
CA THR A 37 -14.83 58.53 -0.64
C THR A 37 -15.27 59.82 -1.33
N GLU A 38 -15.83 59.71 -2.54
CA GLU A 38 -16.54 60.84 -3.12
C GLU A 38 -17.60 61.35 -2.16
N GLY A 39 -18.27 60.44 -1.46
CA GLY A 39 -19.27 60.77 -0.47
C GLY A 39 -18.69 61.39 0.80
N SER A 40 -17.62 60.80 1.34
CA SER A 40 -17.01 61.38 2.53
C SER A 40 -16.48 62.78 2.26
N HIS A 41 -15.92 63.00 1.08
CA HIS A 41 -15.49 64.33 0.67
C HIS A 41 -16.66 65.30 0.62
N PHE A 42 -17.86 64.81 0.27
CA PHE A 42 -19.02 65.68 0.22
C PHE A 42 -19.59 65.93 1.61
N VAL A 43 -19.62 64.90 2.47
CA VAL A 43 -20.11 65.11 3.83
C VAL A 43 -19.08 65.87 4.67
N GLU A 44 -17.81 65.82 4.30
CA GLU A 44 -16.81 66.59 5.02
C GLU A 44 -16.95 68.10 4.76
N ALA A 45 -17.49 68.47 3.59
CA ALA A 45 -17.62 69.86 3.18
C ALA A 45 -18.94 70.50 3.64
N THR A 46 -20.04 69.74 3.59
CA THR A 46 -21.29 70.28 4.12
C THR A 46 -21.26 70.37 5.64
N TYR A 47 -20.40 69.59 6.29
CA TYR A 47 -20.23 69.69 7.73
C TYR A 47 -19.43 70.94 8.10
N LYS A 48 -18.25 71.12 7.48
CA LYS A 48 -17.36 72.21 7.83
C LYS A 48 -17.94 73.58 7.52
N ASN A 49 -19.01 73.65 6.73
CA ASN A 49 -19.52 74.96 6.32
C ASN A 49 -20.14 75.66 7.52
N PRO A 50 -19.78 76.92 7.77
CA PRO A 50 -20.36 77.65 8.91
C PRO A 50 -21.71 78.28 8.58
N GLU A 51 -21.88 78.74 7.34
CA GLU A 51 -23.17 79.23 6.87
C GLU A 51 -24.09 78.09 6.45
N LEU A 52 -24.12 77.02 7.25
CA LEU A 52 -24.91 75.82 7.02
C LEU A 52 -24.91 74.96 8.28
N ASP A 53 -25.93 75.12 9.12
CA ASP A 53 -25.96 74.43 10.41
C ASP A 53 -27.12 73.45 10.47
N ARG A 54 -26.94 72.42 11.31
CA ARG A 54 -27.89 71.33 11.54
C ARG A 54 -28.18 70.50 10.29
N ILE A 55 -27.42 70.67 9.21
CA ILE A 55 -27.72 69.97 7.96
C ILE A 55 -27.00 68.62 7.88
N ALA A 56 -25.73 68.56 8.31
CA ALA A 56 -24.97 67.31 8.31
C ALA A 56 -24.55 66.99 9.75
N THR A 57 -25.03 65.85 10.25
CA THR A 57 -24.89 65.48 11.66
C THR A 57 -23.57 64.76 11.94
N GLU A 58 -23.12 64.85 13.19
CA GLU A 58 -21.86 64.21 13.58
C GLU A 58 -21.94 62.70 13.48
N ASP A 59 -23.13 62.12 13.69
CA ASP A 59 -23.32 60.68 13.60
C ASP A 59 -23.32 60.19 12.16
N ASP A 60 -23.37 61.09 11.18
CA ASP A 60 -23.24 60.75 9.76
C ASP A 60 -21.82 60.93 9.23
N LEU A 61 -21.07 61.89 9.77
CA LEU A 61 -19.68 62.09 9.34
C LEU A 61 -18.78 60.96 9.82
N VAL A 62 -19.09 60.39 10.99
CA VAL A 62 -18.23 59.34 11.54
C VAL A 62 -18.40 58.05 10.76
N GLU A 63 -19.63 57.73 10.35
CA GLU A 63 -19.85 56.52 9.56
C GLU A 63 -19.26 56.67 8.17
N MET A 64 -19.36 57.87 7.59
CA MET A 64 -18.91 58.08 6.21
C MET A 64 -17.39 58.06 6.10
N GLN A 65 -16.68 58.34 7.19
CA GLN A 65 -15.24 58.09 7.22
C GLN A 65 -14.94 56.66 7.64
N GLY A 66 -15.77 56.09 8.53
CA GLY A 66 -15.51 54.75 9.04
C GLY A 66 -15.79 53.67 8.02
N TYR A 67 -16.74 53.91 7.11
CA TYR A 67 -16.95 53.00 5.99
C TYR A 67 -15.79 53.07 5.01
N LYS A 68 -15.33 54.29 4.71
CA LYS A 68 -14.13 54.47 3.91
C LYS A 68 -12.98 53.58 4.39
N ASP A 69 -12.82 53.42 5.71
CA ASP A 69 -11.79 52.56 6.26
C ASP A 69 -12.14 51.08 6.04
N LYS A 70 -13.36 50.70 6.39
CA LYS A 70 -13.77 49.30 6.29
C LYS A 70 -13.56 48.78 4.88
N LEU A 71 -14.12 49.48 3.89
CA LEU A 71 -14.16 49.00 2.52
C LEU A 71 -12.78 48.81 1.91
N SER A 72 -11.82 49.67 2.29
CA SER A 72 -10.44 49.44 1.85
C SER A 72 -9.96 48.06 2.32
N ILE A 73 -10.23 47.71 3.58
CA ILE A 73 -9.77 46.44 4.14
C ILE A 73 -10.55 45.26 3.56
N ILE A 74 -11.82 45.45 3.23
CA ILE A 74 -12.59 44.38 2.59
C ILE A 74 -12.06 44.12 1.18
N GLY A 75 -11.71 45.18 0.46
CA GLY A 75 -11.06 45.01 -0.82
C GLY A 75 -9.80 44.17 -0.72
N GLU A 76 -9.01 44.40 0.33
CA GLU A 76 -7.82 43.58 0.55
C GLU A 76 -8.21 42.13 0.75
N VAL A 77 -9.27 41.87 1.52
CA VAL A 77 -9.66 40.49 1.81
C VAL A 77 -10.11 39.78 0.53
N LEU A 78 -10.89 40.49 -0.30
CA LEU A 78 -11.38 39.92 -1.54
C LEU A 78 -10.24 39.59 -2.48
N SER A 79 -9.32 40.53 -2.69
CA SER A 79 -8.24 40.36 -3.65
C SER A 79 -7.41 39.11 -3.35
N ARG A 80 -7.59 38.52 -2.17
CA ARG A 80 -6.83 37.36 -1.75
C ARG A 80 -7.59 36.06 -1.90
N ARG A 81 -8.92 36.10 -1.82
CA ARG A 81 -9.72 34.88 -1.88
C ARG A 81 -9.35 34.07 -3.10
N HIS A 82 -9.42 32.75 -2.94
CA HIS A 82 -9.06 31.79 -3.98
C HIS A 82 -9.79 30.48 -3.69
N MET A 83 -9.54 29.49 -4.53
CA MET A 83 -10.13 28.17 -4.30
C MET A 83 -9.04 27.25 -3.78
N LYS A 84 -9.39 26.48 -2.75
CA LYS A 84 -8.41 25.66 -2.05
C LYS A 84 -8.88 24.24 -2.06
N VAL A 85 -8.06 23.35 -2.64
CA VAL A 85 -8.31 21.90 -2.65
C VAL A 85 -7.16 21.24 -1.93
N ALA A 86 -7.48 20.30 -1.02
CA ALA A 86 -6.48 19.62 -0.20
C ALA A 86 -6.50 18.12 -0.50
N PHE A 87 -5.32 17.53 -0.67
CA PHE A 87 -5.22 16.08 -0.90
C PHE A 87 -4.75 15.32 0.34
N PHE A 88 -5.26 14.09 0.49
CA PHE A 88 -4.98 13.25 1.66
C PHE A 88 -4.97 11.79 1.24
N GLY A 89 -4.19 10.99 1.95
CA GLY A 89 -4.09 9.55 1.76
C GLY A 89 -2.78 9.03 2.30
N ARG A 90 -2.70 7.70 2.47
CA ARG A 90 -1.47 7.17 3.03
C ARG A 90 -0.28 7.40 2.09
N THR A 91 0.92 7.28 2.65
CA THR A 91 2.13 7.62 1.93
C THR A 91 2.25 6.78 0.66
N SER A 92 2.68 7.43 -0.42
CA SER A 92 2.94 6.81 -1.72
C SER A 92 1.67 6.25 -2.35
N SER A 93 0.50 6.74 -1.91
CA SER A 93 -0.72 6.54 -2.65
C SER A 93 -0.69 7.31 -3.97
N GLY A 94 -0.04 8.47 -3.99
CA GLY A 94 0.02 9.19 -5.25
C GLY A 94 -0.32 10.67 -5.19
N LYS A 95 -0.70 11.15 -4.00
CA LYS A 95 -1.07 12.56 -3.80
C LYS A 95 -0.18 13.54 -4.54
N SER A 96 1.14 13.42 -4.43
CA SER A 96 1.94 14.38 -5.21
C SER A 96 1.88 14.09 -6.71
N SER A 97 1.65 12.84 -7.12
CA SER A 97 1.56 12.55 -8.55
C SER A 97 0.28 13.09 -9.16
N VAL A 98 -0.82 13.07 -8.41
CA VAL A 98 -2.07 13.68 -8.85
C VAL A 98 -1.89 15.18 -9.09
N ILE A 99 -1.47 15.90 -8.04
CA ILE A 99 -1.29 17.34 -8.11
C ILE A 99 -0.47 17.71 -9.32
N ASN A 100 0.70 17.10 -9.45
CA ASN A 100 1.55 17.43 -10.58
C ASN A 100 0.86 17.15 -11.91
N ALA A 101 -0.06 16.17 -11.94
CA ALA A 101 -0.75 15.87 -13.18
C ALA A 101 -1.78 16.92 -13.49
N MET A 102 -2.52 17.37 -12.47
CA MET A 102 -3.41 18.52 -12.61
C MET A 102 -2.67 19.76 -13.10
N LEU A 103 -1.39 19.94 -12.73
CA LEU A 103 -0.58 21.07 -13.18
C LEU A 103 0.25 20.79 -14.42
N TRP A 104 0.09 19.63 -15.06
CA TRP A 104 0.74 19.33 -16.34
C TRP A 104 2.26 19.37 -16.26
N ASP A 105 2.81 19.20 -15.07
CA ASP A 105 4.26 19.16 -14.93
C ASP A 105 4.59 18.79 -13.49
N LYS A 106 5.86 18.43 -13.28
CA LYS A 106 6.30 18.02 -11.96
C LYS A 106 6.61 19.29 -11.16
N VAL A 107 5.60 19.80 -10.46
CA VAL A 107 5.80 21.00 -9.64
C VAL A 107 6.24 20.57 -8.25
N LEU A 108 5.39 19.83 -7.55
CA LEU A 108 5.74 19.23 -6.28
C LEU A 108 6.70 18.05 -6.49
N PRO A 109 7.59 17.78 -5.54
CA PRO A 109 8.37 16.54 -5.61
C PRO A 109 7.45 15.36 -5.35
N SER A 110 7.81 14.18 -5.91
CA SER A 110 6.92 13.04 -5.68
C SER A 110 7.56 11.65 -5.72
N GLY A 111 8.83 11.51 -5.38
CA GLY A 111 9.41 10.18 -5.46
C GLY A 111 8.99 9.21 -4.36
N ILE A 112 9.83 8.20 -4.10
CA ILE A 112 9.71 7.36 -2.91
C ILE A 112 10.74 7.88 -1.91
N GLY A 113 10.24 8.41 -0.80
CA GLY A 113 11.11 9.02 0.18
C GLY A 113 11.23 10.53 0.06
N HIS A 114 10.52 11.16 -0.88
CA HIS A 114 10.49 12.60 -0.87
C HIS A 114 9.92 13.05 0.48
N ILE A 115 10.37 14.22 0.96
CA ILE A 115 9.91 14.64 2.29
C ILE A 115 8.40 14.73 2.27
N THR A 116 7.78 14.10 3.26
CA THR A 116 6.33 14.04 3.42
C THR A 116 5.89 14.49 4.80
N ASN A 117 6.80 14.99 5.64
CA ASN A 117 6.45 15.28 7.03
C ASN A 117 5.52 16.47 7.19
N CYS A 118 5.26 17.21 6.12
CA CYS A 118 4.65 18.53 6.26
C CYS A 118 3.74 18.78 5.07
N PHE A 119 3.01 19.90 5.15
CA PHE A 119 2.10 20.29 4.08
C PHE A 119 2.85 21.09 3.05
N LEU A 120 2.60 20.81 1.78
CA LEU A 120 3.10 21.64 0.68
C LEU A 120 1.92 22.14 -0.16
N SER A 121 1.78 23.46 -0.25
CA SER A 121 0.75 24.05 -1.09
C SER A 121 1.36 24.58 -2.38
N VAL A 122 0.58 24.51 -3.45
CA VAL A 122 0.95 25.17 -4.69
C VAL A 122 -0.09 26.23 -5.01
N GLU A 123 0.41 27.38 -5.48
CA GLU A 123 -0.40 28.53 -5.83
C GLU A 123 0.44 29.42 -6.74
N GLY A 124 -0.26 30.23 -7.54
CA GLY A 124 0.39 30.97 -8.60
C GLY A 124 0.85 32.35 -8.18
N THR A 125 1.95 32.76 -8.81
CA THR A 125 2.47 34.11 -8.76
C THR A 125 2.51 34.69 -10.17
N ASP A 126 2.46 36.02 -10.26
CA ASP A 126 2.43 36.68 -11.56
C ASP A 126 3.80 36.78 -12.22
N GLY A 127 4.89 36.66 -11.46
CA GLY A 127 6.21 36.68 -12.04
C GLY A 127 6.58 35.36 -12.73
N ASP A 128 7.70 35.40 -13.45
CA ASP A 128 8.25 34.24 -14.13
C ASP A 128 9.23 33.46 -13.25
N LYS A 129 9.46 33.92 -12.04
CA LYS A 129 10.38 33.28 -11.10
C LYS A 129 9.55 32.68 -9.97
N ALA A 130 9.70 31.37 -9.75
CA ALA A 130 9.05 30.71 -8.64
C ALA A 130 9.72 31.10 -7.32
N TYR A 131 9.07 30.76 -6.22
CA TYR A 131 9.64 31.08 -4.90
C TYR A 131 8.83 30.36 -3.82
N LEU A 132 9.28 30.54 -2.57
CA LEU A 132 8.91 29.69 -1.46
C LEU A 132 8.85 30.51 -0.17
N MET A 133 7.96 30.09 0.74
CA MET A 133 7.76 30.77 2.02
C MET A 133 7.61 29.76 3.15
N THR A 134 8.34 29.98 4.24
CA THR A 134 8.23 29.20 5.47
C THR A 134 7.44 29.96 6.53
N GLU A 135 7.08 29.24 7.59
CA GLU A 135 6.35 29.84 8.70
C GLU A 135 7.23 30.84 9.45
N GLY A 136 6.57 31.82 10.08
CA GLY A 136 7.24 32.84 10.85
C GLY A 136 8.10 33.80 10.07
N SER A 137 8.32 33.56 8.78
CA SER A 137 9.19 34.41 7.97
C SER A 137 8.50 34.71 6.65
N ASP A 138 8.19 35.99 6.40
CA ASP A 138 7.66 36.37 5.11
C ASP A 138 8.75 36.65 4.09
N GLU A 139 9.98 36.20 4.33
CA GLU A 139 10.97 36.15 3.27
C GLU A 139 10.48 35.23 2.15
N LYS A 140 10.78 35.60 0.92
CA LYS A 140 10.47 34.80 -0.26
C LYS A 140 11.76 34.10 -0.66
N LYS A 141 11.89 32.83 -0.27
CA LYS A 141 13.09 32.07 -0.59
C LYS A 141 13.00 31.59 -2.03
N SER A 142 13.97 31.97 -2.86
CA SER A 142 13.92 31.66 -4.27
C SER A 142 14.06 30.16 -4.51
N VAL A 143 13.36 29.69 -5.54
CA VAL A 143 13.26 28.26 -5.87
C VAL A 143 13.31 28.13 -7.38
N LYS A 144 14.32 27.43 -7.89
CA LYS A 144 14.68 27.48 -9.30
C LYS A 144 14.15 26.32 -10.13
N THR A 145 13.71 25.24 -9.49
CA THR A 145 13.30 24.03 -10.21
C THR A 145 12.83 22.98 -9.20
N VAL A 146 11.94 22.07 -9.63
CA VAL A 146 11.48 20.99 -8.77
C VAL A 146 12.62 20.13 -8.26
N ASN A 147 13.76 20.10 -8.97
CA ASN A 147 14.92 19.37 -8.47
C ASN A 147 15.49 20.05 -7.24
N GLN A 148 15.90 21.32 -7.38
CA GLN A 148 16.48 22.03 -6.25
C GLN A 148 15.48 22.24 -5.13
N LEU A 149 14.18 22.25 -5.43
CA LEU A 149 13.19 22.26 -4.36
C LEU A 149 13.24 20.96 -3.57
N ALA A 150 13.39 19.83 -4.27
CA ALA A 150 13.46 18.53 -3.61
C ALA A 150 14.76 18.40 -2.82
N HIS A 151 15.90 18.68 -3.46
CA HIS A 151 17.17 18.57 -2.78
C HIS A 151 17.30 19.54 -1.60
N ALA A 152 16.51 20.62 -1.58
CA ALA A 152 16.55 21.54 -0.45
C ALA A 152 15.81 20.96 0.74
N LEU A 153 14.54 20.66 0.56
CA LEU A 153 13.74 19.96 1.57
C LEU A 153 14.46 18.76 2.18
N HIS A 154 15.13 17.95 1.34
CA HIS A 154 15.79 16.73 1.82
C HIS A 154 16.85 17.06 2.87
N MET A 155 17.57 18.17 2.70
CA MET A 155 18.66 18.54 3.59
C MET A 155 18.19 19.18 4.88
N ASP A 156 16.93 19.62 4.95
CA ASP A 156 16.44 20.27 6.16
C ASP A 156 16.03 19.21 7.18
N LYS A 157 16.97 18.87 8.06
CA LYS A 157 16.63 17.98 9.17
C LYS A 157 15.81 18.72 10.21
N ASP A 158 15.95 20.05 10.27
CA ASP A 158 15.25 20.89 11.24
C ASP A 158 13.80 21.18 10.85
N LEU A 159 13.44 21.00 9.58
CA LEU A 159 12.11 21.32 9.06
C LEU A 159 11.00 20.72 9.91
N LYS A 160 10.21 21.60 10.53
CA LYS A 160 9.24 21.17 11.54
C LYS A 160 8.16 20.25 10.98
N ALA A 161 7.75 19.29 11.80
CA ALA A 161 6.66 18.38 11.45
C ALA A 161 5.32 19.09 11.59
N GLY A 162 4.47 18.95 10.60
CA GLY A 162 3.21 19.65 10.58
C GLY A 162 3.27 21.02 9.94
N CYS A 163 4.44 21.64 9.90
CA CYS A 163 4.57 22.97 9.33
C CYS A 163 4.15 23.05 7.88
N LEU A 164 4.12 24.27 7.34
CA LEU A 164 3.55 24.61 6.04
C LEU A 164 4.63 25.22 5.17
N VAL A 165 4.65 24.84 3.90
CA VAL A 165 5.60 25.37 2.93
C VAL A 165 4.80 25.80 1.71
N ARG A 166 4.66 27.11 1.51
CA ARG A 166 3.91 27.65 0.37
C ARG A 166 4.85 27.72 -0.82
N VAL A 167 4.57 26.94 -1.84
CA VAL A 167 5.25 27.10 -3.11
C VAL A 167 4.47 28.09 -3.96
N PHE A 168 5.20 28.95 -4.68
CA PHE A 168 4.63 29.92 -5.60
C PHE A 168 5.18 29.63 -6.99
N TRP A 169 4.33 29.12 -7.86
CA TRP A 169 4.76 28.68 -9.17
C TRP A 169 4.16 29.59 -10.23
N PRO A 170 4.94 30.02 -11.22
CA PRO A 170 4.43 30.90 -12.28
C PRO A 170 3.09 30.51 -12.87
N LYS A 171 2.12 31.44 -12.85
CA LYS A 171 0.82 31.16 -13.42
C LYS A 171 0.89 30.74 -14.88
N ALA A 172 1.97 31.10 -15.57
CA ALA A 172 2.07 30.79 -17.00
C ALA A 172 2.68 29.41 -17.24
N LYS A 173 2.47 28.47 -16.34
CA LYS A 173 2.94 27.10 -16.53
C LYS A 173 1.80 26.10 -16.54
N CYS A 174 0.89 26.16 -15.57
CA CYS A 174 -0.39 25.51 -15.70
C CYS A 174 -1.52 26.51 -15.56
N ALA A 175 -2.59 26.27 -16.30
CA ALA A 175 -3.76 27.13 -16.25
C ALA A 175 -4.39 27.12 -14.87
N LEU A 176 -4.47 25.94 -14.25
CA LEU A 176 -5.11 25.82 -12.94
C LEU A 176 -4.64 26.89 -11.96
N LEU A 177 -3.33 27.20 -11.98
CA LEU A 177 -2.80 28.17 -11.03
C LEU A 177 -3.18 29.59 -11.43
N ARG A 178 -3.36 29.86 -12.74
CA ARG A 178 -3.87 31.16 -13.16
C ARG A 178 -5.22 31.44 -12.53
N ASP A 179 -6.10 30.45 -12.57
CA ASP A 179 -7.50 30.68 -12.29
C ASP A 179 -7.80 30.57 -10.81
N ASP A 180 -6.85 31.02 -9.99
CA ASP A 180 -7.07 31.24 -8.55
C ASP A 180 -7.33 29.95 -7.77
N LEU A 181 -6.61 28.87 -8.07
CA LEU A 181 -6.78 27.61 -7.36
C LEU A 181 -5.50 27.28 -6.61
N VAL A 182 -5.65 26.92 -5.33
CA VAL A 182 -4.54 26.54 -4.47
C VAL A 182 -4.65 25.05 -4.18
N LEU A 183 -3.55 24.32 -4.39
CA LEU A 183 -3.55 22.87 -4.16
C LEU A 183 -2.60 22.55 -2.99
N VAL A 184 -3.03 21.66 -2.11
CA VAL A 184 -2.34 21.45 -0.83
C VAL A 184 -2.08 19.96 -0.65
N ASP A 185 -0.81 19.61 -0.48
CA ASP A 185 -0.36 18.25 -0.23
C ASP A 185 -0.09 18.06 1.26
N SER A 186 -0.51 16.92 1.80
CA SER A 186 -0.52 16.76 3.24
C SER A 186 0.26 15.54 3.70
N PRO A 187 0.84 15.59 4.90
CA PRO A 187 1.58 14.44 5.43
C PRO A 187 0.86 13.12 5.27
N GLY A 188 1.56 12.09 4.79
CA GLY A 188 1.02 10.75 4.69
C GLY A 188 0.11 10.41 5.86
N THR A 189 -1.11 9.98 5.59
CA THR A 189 -2.10 9.79 6.65
C THR A 189 -1.88 8.51 7.44
N ASP A 190 -0.81 7.77 7.16
CA ASP A 190 -0.52 6.55 7.88
C ASP A 190 0.68 6.70 8.80
N VAL A 191 1.39 7.83 8.76
CA VAL A 191 2.61 7.95 9.55
C VAL A 191 2.60 9.18 10.46
N THR A 192 1.44 9.77 10.72
CA THR A 192 1.42 11.03 11.46
C THR A 192 0.60 11.02 12.74
N THR A 193 -0.52 10.27 12.78
CA THR A 193 -1.31 10.00 13.98
C THR A 193 -2.15 11.20 14.41
N GLU A 194 -1.55 12.39 14.48
CA GLU A 194 -2.24 13.59 14.92
C GLU A 194 -2.45 14.59 13.80
N LEU A 195 -2.63 14.09 12.57
CA LEU A 195 -2.86 14.95 11.43
C LEU A 195 -4.18 15.73 11.57
N ASP A 196 -5.14 15.16 12.28
CA ASP A 196 -6.40 15.85 12.55
C ASP A 196 -6.25 17.04 13.48
N SER A 197 -5.05 17.24 14.04
CA SER A 197 -4.77 18.42 14.85
C SER A 197 -4.16 19.56 14.02
N TRP A 198 -3.34 19.19 13.04
CA TRP A 198 -2.65 20.18 12.21
C TRP A 198 -3.50 20.67 11.07
N ILE A 199 -4.66 20.05 10.85
CA ILE A 199 -5.50 20.41 9.74
C ILE A 199 -6.13 21.79 9.95
N ASP A 200 -6.20 22.26 11.19
CA ASP A 200 -6.78 23.57 11.45
C ASP A 200 -5.92 24.71 10.95
N LYS A 201 -4.67 24.47 10.56
CA LYS A 201 -3.80 25.57 10.19
C LYS A 201 -4.06 26.02 8.75
N PHE A 202 -3.95 25.11 7.79
CA PHE A 202 -4.10 25.52 6.40
C PHE A 202 -4.96 24.55 5.59
N CYS A 203 -5.76 23.72 6.23
CA CYS A 203 -6.52 22.73 5.48
C CYS A 203 -7.96 22.58 5.91
N LEU A 204 -8.32 22.93 7.14
CA LEU A 204 -9.70 22.77 7.57
C LEU A 204 -10.66 23.59 6.72
N ASP A 205 -10.18 24.65 6.07
CA ASP A 205 -11.03 25.57 5.32
C ASP A 205 -11.00 25.32 3.81
N ALA A 206 -10.64 24.11 3.39
CA ALA A 206 -10.65 23.78 1.97
C ALA A 206 -12.07 23.72 1.43
N ASP A 207 -12.21 23.95 0.13
CA ASP A 207 -13.53 23.81 -0.49
C ASP A 207 -13.80 22.38 -0.91
N VAL A 208 -12.76 21.68 -1.35
CA VAL A 208 -12.87 20.31 -1.82
C VAL A 208 -11.71 19.53 -1.25
N PHE A 209 -12.00 18.36 -0.68
CA PHE A 209 -10.99 17.41 -0.20
C PHE A 209 -10.98 16.19 -1.13
N VAL A 210 -9.79 15.67 -1.40
CA VAL A 210 -9.60 14.53 -2.30
C VAL A 210 -8.86 13.43 -1.55
N LEU A 211 -9.53 12.28 -1.36
CA LEU A 211 -8.86 11.07 -0.85
C LEU A 211 -8.15 10.34 -1.98
N VAL A 212 -6.83 10.30 -1.95
CA VAL A 212 -6.03 9.59 -2.96
C VAL A 212 -5.79 8.18 -2.38
N ALA A 213 -6.71 7.28 -2.68
CA ALA A 213 -6.61 5.91 -2.27
C ALA A 213 -5.85 5.09 -3.30
N ASN A 214 -4.92 4.28 -2.81
CA ASN A 214 -4.14 3.35 -3.62
C ASN A 214 -4.99 2.12 -3.95
N SER A 215 -5.20 1.86 -5.25
CA SER A 215 -6.13 0.83 -5.66
C SER A 215 -5.49 -0.54 -5.78
N GLU A 216 -4.20 -0.65 -5.47
CA GLU A 216 -3.63 -1.96 -5.25
C GLU A 216 -3.96 -2.49 -3.87
N SER A 217 -4.61 -1.69 -3.03
CA SER A 217 -4.91 -2.06 -1.66
C SER A 217 -6.42 -2.03 -1.45
N THR A 218 -6.81 -2.06 -0.18
CA THR A 218 -8.16 -1.77 0.24
C THR A 218 -8.10 -0.59 1.20
N LEU A 219 -9.12 0.27 1.13
CA LEU A 219 -9.24 1.46 1.95
C LEU A 219 -9.02 1.14 3.43
N MET A 220 -7.88 1.54 3.97
CA MET A 220 -7.58 1.25 5.36
C MET A 220 -8.36 2.20 6.27
N ASN A 221 -8.51 1.79 7.52
CA ASN A 221 -9.33 2.55 8.47
C ASN A 221 -8.74 3.93 8.75
N THR A 222 -7.41 4.06 8.73
CA THR A 222 -6.79 5.34 9.09
C THR A 222 -7.23 6.44 8.13
N GLU A 223 -7.16 6.15 6.83
CA GLU A 223 -7.68 7.09 5.83
C GLU A 223 -9.14 7.43 6.10
N LYS A 224 -9.97 6.42 6.27
CA LYS A 224 -11.39 6.67 6.56
C LYS A 224 -11.56 7.38 7.90
N HIS A 225 -10.76 7.02 8.91
CA HIS A 225 -10.87 7.64 10.23
C HIS A 225 -10.61 9.13 10.17
N PHE A 226 -9.68 9.54 9.31
CA PHE A 226 -9.31 10.94 9.22
C PHE A 226 -10.47 11.75 8.69
N PHE A 227 -11.03 11.34 7.54
CA PHE A 227 -12.18 12.05 6.96
C PHE A 227 -13.35 12.07 7.92
N HIS A 228 -13.51 11.04 8.75
CA HIS A 228 -14.49 11.12 9.82
C HIS A 228 -14.24 12.39 10.64
N LYS A 229 -13.12 12.44 11.36
CA LYS A 229 -12.81 13.57 12.21
C LYS A 229 -12.93 14.90 11.49
N VAL A 230 -12.76 14.90 10.16
CA VAL A 230 -13.03 16.09 9.36
C VAL A 230 -14.53 16.31 9.22
N ASN A 231 -15.20 15.38 8.53
CA ASN A 231 -16.64 15.43 8.31
C ASN A 231 -17.43 15.67 9.59
N GLU A 232 -16.86 15.33 10.75
CA GLU A 232 -17.51 15.65 12.01
C GLU A 232 -17.54 17.16 12.23
N ARG A 233 -16.44 17.83 11.90
CA ARG A 233 -16.32 19.27 12.13
C ARG A 233 -16.88 20.12 11.00
N LEU A 234 -17.16 19.54 9.84
CA LEU A 234 -17.65 20.30 8.70
C LEU A 234 -19.13 20.00 8.44
N SER A 235 -19.67 20.68 7.43
CA SER A 235 -21.09 20.62 7.06
C SER A 235 -21.15 20.22 5.59
N LYS A 236 -21.45 18.95 5.33
CA LYS A 236 -21.43 18.35 4.00
C LYS A 236 -20.25 18.87 3.18
N PRO A 237 -19.03 18.44 3.51
CA PRO A 237 -17.86 18.87 2.73
C PRO A 237 -17.80 18.16 1.38
N ASN A 238 -16.99 18.71 0.48
CA ASN A 238 -16.88 18.20 -0.89
C ASN A 238 -15.77 17.16 -0.96
N ILE A 239 -16.14 15.88 -0.90
CA ILE A 239 -15.17 14.80 -0.79
C ILE A 239 -15.19 13.98 -2.07
N PHE A 240 -14.04 13.93 -2.74
CA PHE A 240 -13.76 13.07 -3.89
C PHE A 240 -12.79 11.95 -3.51
N ILE A 241 -13.00 10.76 -4.05
CA ILE A 241 -12.07 9.65 -3.85
C ILE A 241 -11.43 9.29 -5.19
N LEU A 242 -10.12 9.38 -5.26
CA LEU A 242 -9.36 8.95 -6.43
C LEU A 242 -8.66 7.64 -6.09
N ASN A 243 -9.33 6.52 -6.34
CA ASN A 243 -8.60 5.26 -6.44
C ASN A 243 -7.48 5.38 -7.48
N ASN A 244 -6.29 5.81 -7.07
CA ASN A 244 -5.18 6.08 -8.00
C ASN A 244 -4.53 4.76 -8.44
N ARG A 245 -3.47 4.85 -9.26
CA ARG A 245 -2.69 3.69 -9.67
C ARG A 245 -3.54 2.60 -10.32
N TRP A 246 -4.59 2.99 -11.03
CA TRP A 246 -5.52 2.01 -11.59
C TRP A 246 -4.84 1.09 -12.58
N ASP A 247 -3.79 1.57 -13.26
CA ASP A 247 -3.17 0.76 -14.30
C ASP A 247 -2.74 -0.59 -13.76
N ALA A 248 -2.17 -0.60 -12.54
CA ALA A 248 -1.74 -1.84 -11.91
C ALA A 248 -2.71 -2.98 -12.17
N SER A 249 -4.00 -2.77 -11.91
CA SER A 249 -4.96 -3.85 -12.06
C SER A 249 -5.41 -4.05 -13.50
N ALA A 250 -5.07 -3.15 -14.42
CA ALA A 250 -5.43 -3.35 -15.81
C ALA A 250 -4.50 -4.31 -16.54
N SER A 251 -3.35 -4.62 -15.94
CA SER A 251 -2.44 -5.61 -16.53
C SER A 251 -3.03 -7.00 -16.52
N GLU A 252 -4.01 -7.25 -15.66
CA GLU A 252 -4.66 -8.56 -15.52
C GLU A 252 -6.17 -8.40 -15.75
N PRO A 253 -6.61 -8.48 -17.01
CA PRO A 253 -8.04 -8.33 -17.30
C PRO A 253 -8.94 -9.38 -16.69
N GLU A 254 -8.43 -10.59 -16.41
CA GLU A 254 -9.21 -11.67 -15.80
C GLU A 254 -10.05 -11.17 -14.63
N TYR A 255 -9.48 -10.26 -13.84
CA TYR A 255 -10.05 -9.84 -12.57
C TYR A 255 -10.49 -8.38 -12.56
N MET A 256 -10.34 -7.68 -13.70
CA MET A 256 -10.54 -6.22 -13.72
C MET A 256 -11.96 -5.84 -13.34
N GLU A 257 -12.96 -6.49 -13.91
CA GLU A 257 -14.34 -6.17 -13.54
C GLU A 257 -14.56 -6.34 -12.04
N ASP A 258 -14.19 -7.52 -11.50
CA ASP A 258 -14.39 -7.79 -10.07
C ASP A 258 -13.58 -6.86 -9.19
N VAL A 259 -12.34 -6.55 -9.58
CA VAL A 259 -11.49 -5.74 -8.74
C VAL A 259 -12.09 -4.36 -8.58
N ARG A 260 -12.44 -3.72 -9.71
CA ARG A 260 -13.11 -2.43 -9.69
C ARG A 260 -14.42 -2.51 -8.92
N ARG A 261 -15.27 -3.48 -9.25
CA ARG A 261 -16.56 -3.55 -8.57
C ARG A 261 -16.40 -3.64 -7.07
N GLN A 262 -15.26 -4.16 -6.61
CA GLN A 262 -15.06 -4.28 -5.17
C GLN A 262 -14.61 -2.96 -4.56
N HIS A 263 -13.70 -2.25 -5.23
CA HIS A 263 -13.35 -0.89 -4.82
C HIS A 263 -14.54 0.04 -4.94
N MET A 264 -15.18 0.07 -6.13
CA MET A 264 -16.31 0.97 -6.34
C MET A 264 -17.40 0.72 -5.32
N GLU A 265 -17.64 -0.53 -4.96
CA GLU A 265 -18.59 -0.73 -3.87
C GLU A 265 -18.02 -0.21 -2.55
N ARG A 266 -16.71 -0.26 -2.38
CA ARG A 266 -16.15 0.10 -1.09
C ARG A 266 -16.23 1.60 -0.87
N CYS A 267 -15.81 2.37 -1.88
CA CYS A 267 -15.88 3.82 -1.84
C CYS A 267 -17.31 4.32 -1.81
N LEU A 268 -18.20 3.68 -2.57
CA LEU A 268 -19.60 4.06 -2.58
C LEU A 268 -20.19 3.94 -1.19
N HIS A 269 -20.02 2.77 -0.57
CA HIS A 269 -20.53 2.56 0.78
C HIS A 269 -19.93 3.55 1.76
N PHE A 270 -18.72 4.03 1.47
CA PHE A 270 -18.03 4.94 2.38
C PHE A 270 -18.72 6.29 2.44
N LEU A 271 -18.72 7.01 1.30
CA LEU A 271 -19.37 8.32 1.22
C LEU A 271 -20.86 8.23 1.54
N VAL A 272 -21.55 7.25 0.98
CA VAL A 272 -23.01 7.21 1.11
C VAL A 272 -23.41 6.83 2.52
N GLU A 273 -22.87 5.72 3.04
CA GLU A 273 -23.34 5.12 4.28
C GLU A 273 -22.47 5.45 5.49
N GLU A 274 -21.15 5.53 5.30
CA GLU A 274 -20.28 5.77 6.45
C GLU A 274 -20.15 7.26 6.75
N LEU A 275 -19.99 8.10 5.71
CA LEU A 275 -19.88 9.55 5.89
C LEU A 275 -21.21 10.27 5.72
N LYS A 276 -22.21 9.64 5.12
CA LYS A 276 -23.52 10.24 4.86
C LYS A 276 -23.43 11.63 4.24
N VAL A 277 -22.32 11.95 3.56
CA VAL A 277 -22.19 13.27 2.95
C VAL A 277 -22.88 13.38 1.60
N VAL A 278 -23.33 12.28 1.01
CA VAL A 278 -23.80 12.28 -0.37
C VAL A 278 -24.64 11.03 -0.59
N ASN A 279 -25.63 11.12 -1.48
CA ASN A 279 -26.43 9.96 -1.79
C ASN A 279 -25.86 9.23 -3.01
N ALA A 280 -26.44 8.08 -3.34
CA ALA A 280 -25.80 7.16 -4.29
C ALA A 280 -25.75 7.76 -5.69
N LEU A 281 -26.88 8.28 -6.17
CA LEU A 281 -26.98 8.91 -7.48
C LEU A 281 -25.87 9.93 -7.70
N GLU A 282 -25.60 10.77 -6.71
CA GLU A 282 -24.56 11.78 -6.86
C GLU A 282 -23.18 11.30 -6.45
N ALA A 283 -23.09 10.21 -5.67
CA ALA A 283 -21.78 9.64 -5.36
C ALA A 283 -21.02 9.23 -6.61
N GLN A 284 -21.73 8.76 -7.64
CA GLN A 284 -21.13 8.27 -8.88
C GLN A 284 -20.24 9.32 -9.56
N ASN A 285 -20.36 10.60 -9.20
CA ASN A 285 -19.53 11.66 -9.75
C ASN A 285 -18.50 12.16 -8.73
N ARG A 286 -18.15 11.32 -7.75
CA ARG A 286 -17.05 11.62 -6.84
C ARG A 286 -16.02 10.50 -6.74
N ILE A 287 -16.34 9.28 -7.19
CA ILE A 287 -15.43 8.14 -7.14
C ILE A 287 -14.91 7.89 -8.55
N PHE A 288 -13.60 8.03 -8.74
CA PHE A 288 -12.97 7.84 -10.02
C PHE A 288 -11.81 6.84 -9.92
N PHE A 289 -11.56 6.12 -11.01
CA PHE A 289 -10.46 5.16 -11.12
C PHE A 289 -9.51 5.66 -12.21
N VAL A 290 -8.28 6.05 -11.82
CA VAL A 290 -7.41 6.89 -12.64
C VAL A 290 -5.98 6.41 -12.49
N SER A 291 -5.03 7.04 -13.23
CA SER A 291 -3.61 6.70 -13.15
C SER A 291 -2.78 7.98 -13.31
N ALA A 292 -2.55 8.66 -12.19
CA ALA A 292 -1.83 9.92 -12.17
C ALA A 292 -0.50 9.82 -12.91
N LYS A 293 0.29 8.77 -12.66
CA LYS A 293 1.57 8.62 -13.36
C LYS A 293 1.40 8.68 -14.87
N GLU A 294 0.30 8.10 -15.37
CA GLU A 294 0.06 8.07 -16.80
C GLU A 294 -0.41 9.43 -17.31
N VAL A 295 -1.36 10.06 -16.61
CA VAL A 295 -1.84 11.38 -17.00
C VAL A 295 -0.69 12.37 -17.07
N LEU A 296 0.15 12.38 -16.03
CA LEU A 296 1.26 13.33 -16.01
C LEU A 296 2.26 13.05 -17.12
N SER A 297 2.45 11.79 -17.47
CA SER A 297 3.35 11.47 -18.58
C SER A 297 2.76 11.94 -19.92
N ALA A 298 1.45 11.74 -20.11
CA ALA A 298 0.82 12.23 -21.31
C ALA A 298 0.97 13.74 -21.46
N ARG A 299 0.66 14.47 -20.40
CA ARG A 299 0.72 15.92 -20.46
C ARG A 299 2.14 16.40 -20.66
N LYS A 300 3.01 16.16 -19.67
CA LYS A 300 4.40 16.61 -19.70
C LYS A 300 5.08 16.33 -21.05
N GLN A 301 4.52 15.42 -21.84
CA GLN A 301 5.01 15.20 -23.20
C GLN A 301 4.22 16.02 -24.22
N LYS A 302 2.91 16.16 -24.00
CA LYS A 302 2.06 16.87 -24.96
C LYS A 302 2.46 18.34 -25.09
N ALA A 303 2.98 18.94 -24.01
CA ALA A 303 3.37 20.34 -24.07
C ALA A 303 4.67 20.52 -24.84
N GLN A 304 5.61 19.59 -24.70
CA GLN A 304 6.91 19.75 -25.34
C GLN A 304 6.80 19.76 -26.86
N GLY A 305 5.81 19.06 -27.41
CA GLY A 305 5.61 19.02 -28.84
C GLY A 305 5.47 17.62 -29.40
N MET A 306 6.10 16.65 -28.76
CA MET A 306 6.06 15.27 -29.25
C MET A 306 4.63 14.75 -29.22
N PRO A 307 4.27 13.86 -30.17
CA PRO A 307 2.93 13.26 -30.16
C PRO A 307 2.74 12.26 -29.03
N GLU A 308 1.58 11.59 -29.00
CA GLU A 308 1.20 10.70 -27.91
C GLU A 308 1.79 9.31 -28.15
N SER A 309 3.05 9.14 -27.75
CA SER A 309 3.84 7.96 -28.08
C SER A 309 4.45 7.37 -26.82
N GLY A 310 4.17 6.10 -26.57
CA GLY A 310 4.85 5.36 -25.52
C GLY A 310 4.59 5.86 -24.11
N VAL A 311 3.44 6.48 -23.88
CA VAL A 311 3.11 6.96 -22.53
C VAL A 311 2.33 5.92 -21.74
N ALA A 312 1.59 5.04 -22.44
CA ALA A 312 0.70 4.07 -21.81
C ALA A 312 1.52 2.91 -21.25
N LEU A 313 1.58 2.79 -19.93
CA LEU A 313 2.30 1.64 -19.38
C LEU A 313 1.46 0.37 -19.42
N ALA A 314 0.13 0.50 -19.45
CA ALA A 314 -0.77 -0.64 -19.60
C ALA A 314 -1.86 -0.30 -20.63
N GLU A 315 -2.51 -1.33 -21.14
CA GLU A 315 -3.63 -1.12 -22.03
C GLU A 315 -4.80 -0.56 -21.22
N GLY A 316 -5.71 0.13 -21.90
CA GLY A 316 -6.74 0.88 -21.21
C GLY A 316 -6.34 2.29 -20.84
N PHE A 317 -5.27 2.80 -21.44
CA PHE A 317 -4.77 4.11 -21.06
C PHE A 317 -5.76 5.22 -21.42
N HIS A 318 -6.39 5.12 -22.58
CA HIS A 318 -7.34 6.16 -22.99
C HIS A 318 -8.57 6.16 -22.10
N ALA A 319 -9.13 4.98 -21.81
CA ALA A 319 -10.24 4.91 -20.88
C ALA A 319 -9.90 5.60 -19.57
N ARG A 320 -8.70 5.35 -19.08
CA ARG A 320 -8.22 5.93 -17.83
C ARG A 320 -8.06 7.45 -17.94
N LEU A 321 -7.43 7.91 -19.02
CA LEU A 321 -7.24 9.35 -19.21
C LEU A 321 -8.58 10.06 -19.27
N GLN A 322 -9.54 9.50 -20.00
CA GLN A 322 -10.89 10.04 -20.01
C GLN A 322 -11.42 10.22 -18.59
N GLU A 323 -11.38 9.15 -17.79
CA GLU A 323 -11.89 9.23 -16.44
C GLU A 323 -11.21 10.34 -15.64
N PHE A 324 -9.96 10.66 -15.96
CA PHE A 324 -9.29 11.71 -15.21
C PHE A 324 -9.79 13.08 -15.65
N GLN A 325 -9.72 13.33 -16.95
CA GLN A 325 -10.37 14.49 -17.53
C GLN A 325 -11.83 14.60 -17.07
N ASN A 326 -12.51 13.46 -16.90
CA ASN A 326 -13.84 13.56 -16.30
C ASN A 326 -13.76 14.11 -14.88
N PHE A 327 -12.79 13.62 -14.09
CA PHE A 327 -12.64 14.07 -12.71
C PHE A 327 -12.33 15.56 -12.66
N GLU A 328 -11.35 15.99 -13.47
CA GLU A 328 -10.99 17.39 -13.46
C GLU A 328 -12.21 18.24 -13.78
N GLN A 329 -12.95 17.88 -14.83
CA GLN A 329 -14.17 18.58 -15.21
C GLN A 329 -15.15 18.66 -14.05
N ILE A 330 -15.59 17.50 -13.57
CA ILE A 330 -16.59 17.47 -12.50
C ILE A 330 -16.08 18.23 -11.29
N PHE A 331 -14.81 18.05 -10.93
CA PHE A 331 -14.27 18.66 -9.72
C PHE A 331 -14.21 20.17 -9.87
N GLU A 332 -13.68 20.67 -10.99
CA GLU A 332 -13.57 22.10 -11.22
C GLU A 332 -14.91 22.79 -11.10
N GLU A 333 -15.89 22.35 -11.88
CA GLU A 333 -17.24 22.85 -11.72
C GLU A 333 -17.62 22.87 -10.24
N CYS A 334 -17.35 21.78 -9.52
CA CYS A 334 -17.84 21.65 -8.15
C CYS A 334 -17.22 22.70 -7.23
N ILE A 335 -15.90 22.86 -7.31
CA ILE A 335 -15.20 23.76 -6.42
C ILE A 335 -15.56 25.21 -6.72
N SER A 336 -15.85 25.55 -7.97
CA SER A 336 -16.07 26.96 -8.26
C SER A 336 -17.46 27.38 -7.78
N GLN A 337 -18.49 26.56 -8.02
CA GLN A 337 -19.80 26.87 -7.48
C GLN A 337 -19.73 27.01 -5.96
N SER A 338 -19.10 26.06 -5.28
CA SER A 338 -19.10 26.11 -3.83
C SER A 338 -18.29 27.29 -3.31
N ALA A 339 -17.13 27.55 -3.90
CA ALA A 339 -16.25 28.59 -3.35
C ALA A 339 -16.78 29.99 -3.63
N VAL A 340 -17.46 30.19 -4.77
CA VAL A 340 -18.05 31.49 -5.06
C VAL A 340 -19.07 31.87 -3.99
N LYS A 341 -19.93 30.92 -3.61
CA LYS A 341 -20.84 31.13 -2.51
C LYS A 341 -20.08 31.36 -1.20
N THR A 342 -19.29 30.36 -0.78
CA THR A 342 -18.63 30.35 0.52
C THR A 342 -17.78 31.59 0.75
N LYS A 343 -17.13 32.11 -0.29
CA LYS A 343 -16.15 33.18 -0.14
C LYS A 343 -16.66 34.56 -0.55
N PHE A 344 -17.82 34.67 -1.21
CA PHE A 344 -18.30 35.96 -1.68
C PHE A 344 -19.68 36.36 -1.17
N GLU A 345 -20.56 35.39 -0.89
CA GLU A 345 -21.94 35.71 -0.53
C GLU A 345 -22.03 36.64 0.68
N GLN A 346 -21.04 36.60 1.58
CA GLN A 346 -21.13 37.43 2.78
C GLN A 346 -20.73 38.86 2.50
N HIS A 347 -19.66 39.06 1.72
CA HIS A 347 -19.27 40.41 1.35
C HIS A 347 -20.36 41.09 0.54
N THR A 348 -21.02 40.32 -0.32
CA THR A 348 -22.17 40.82 -1.03
C THR A 348 -23.25 41.31 -0.06
N ILE A 349 -23.59 40.51 0.94
CA ILE A 349 -24.58 40.95 1.92
C ILE A 349 -24.08 42.17 2.67
N ARG A 350 -22.79 42.23 2.97
CA ARG A 350 -22.23 43.33 3.74
C ARG A 350 -22.22 44.64 2.96
N ALA A 351 -22.19 44.58 1.64
CA ALA A 351 -22.30 45.81 0.87
C ALA A 351 -23.74 46.32 0.83
N LYS A 352 -24.72 45.43 0.70
CA LYS A 352 -26.12 45.87 0.70
C LYS A 352 -26.49 46.64 1.95
N GLN A 353 -25.83 46.37 3.07
CA GLN A 353 -26.09 47.11 4.30
C GLN A 353 -25.39 48.46 4.28
N ILE A 354 -24.11 48.49 3.89
CA ILE A 354 -23.39 49.76 3.76
C ILE A 354 -24.14 50.71 2.83
N LEU A 355 -24.48 50.21 1.63
CA LEU A 355 -25.28 50.99 0.70
C LEU A 355 -26.58 51.47 1.36
N ALA A 356 -27.34 50.55 1.96
CA ALA A 356 -28.64 50.89 2.53
C ALA A 356 -28.55 52.01 3.57
N THR A 357 -27.44 52.12 4.29
CA THR A 357 -27.32 53.18 5.27
C THR A 357 -26.57 54.39 4.74
N VAL A 358 -25.63 54.20 3.81
CA VAL A 358 -25.00 55.35 3.18
C VAL A 358 -26.04 56.21 2.49
N LYS A 359 -26.96 55.57 1.77
CA LYS A 359 -27.88 56.34 0.95
C LYS A 359 -28.96 57.02 1.81
N ASN A 360 -29.38 56.40 2.90
CA ASN A 360 -30.31 57.08 3.80
C ASN A 360 -29.63 58.16 4.63
N ILE A 361 -28.30 58.12 4.71
CA ILE A 361 -27.57 59.30 5.18
C ILE A 361 -27.68 60.41 4.15
N MET A 362 -27.57 60.06 2.86
CA MET A 362 -27.74 61.06 1.81
C MET A 362 -29.17 61.60 1.82
N ASP A 363 -30.16 60.73 2.06
CA ASP A 363 -31.54 61.20 2.08
C ASP A 363 -31.77 62.17 3.23
N SER A 364 -31.18 61.91 4.40
CA SER A 364 -31.37 62.84 5.51
C SER A 364 -30.65 64.16 5.26
N VAL A 365 -29.53 64.14 4.54
CA VAL A 365 -28.85 65.40 4.20
C VAL A 365 -29.67 66.20 3.20
N ASN A 366 -30.13 65.53 2.13
CA ASN A 366 -30.97 66.21 1.16
C ASN A 366 -32.24 66.74 1.81
N LEU A 367 -32.80 65.98 2.75
CA LEU A 367 -34.11 66.33 3.31
C LEU A 367 -34.01 67.52 4.23
N ALA A 368 -32.92 67.61 5.01
CA ALA A 368 -32.70 68.76 5.87
C ALA A 368 -32.50 70.03 5.04
N ALA A 369 -31.58 69.98 4.07
CA ALA A 369 -31.30 71.14 3.25
C ALA A 369 -32.54 71.65 2.53
N GLU A 370 -33.42 70.74 2.12
CA GLU A 370 -34.67 71.17 1.50
C GLU A 370 -35.54 71.93 2.49
N ASP A 371 -35.64 71.44 3.72
CA ASP A 371 -36.45 72.11 4.73
C ASP A 371 -35.79 73.38 5.26
N LYS A 372 -34.49 73.54 5.04
CA LYS A 372 -33.82 74.80 5.38
C LYS A 372 -34.15 75.87 4.35
N ARG A 373 -34.00 75.56 3.07
CA ARG A 373 -34.38 76.50 2.04
C ARG A 373 -35.87 76.79 2.06
N HIS A 374 -36.69 75.88 2.62
CA HIS A 374 -38.14 76.04 2.53
C HIS A 374 -38.70 76.97 3.60
N TYR A 375 -38.23 76.86 4.85
CA TYR A 375 -38.78 77.60 5.96
C TYR A 375 -37.79 78.55 6.62
N SER A 376 -36.49 78.48 6.29
CA SER A 376 -35.43 79.23 6.97
C SER A 376 -34.32 79.57 5.97
N ALA A 377 -34.61 80.53 5.07
CA ALA A 377 -33.61 80.94 4.09
C ALA A 377 -34.01 82.30 3.51
N ARG A 378 -33.00 83.12 3.21
CA ARG A 378 -33.23 84.44 2.63
C ARG A 378 -32.20 84.77 1.55
N LEU A 379 -30.92 84.70 1.91
CA LEU A 379 -29.86 85.31 1.11
C LEU A 379 -29.74 84.62 -0.25
N PRO A 380 -29.61 85.39 -1.34
CA PRO A 380 -29.32 84.76 -2.64
C PRO A 380 -28.09 83.87 -2.61
N LYS A 381 -27.02 84.31 -1.93
CA LYS A 381 -25.82 83.49 -1.83
C LYS A 381 -26.07 82.23 -1.00
N GLU A 382 -26.92 82.30 0.02
CA GLU A 382 -27.12 81.14 0.89
C GLU A 382 -27.97 80.08 0.21
N ILE A 383 -29.16 80.46 -0.30
CA ILE A 383 -30.05 79.48 -0.92
C ILE A 383 -29.42 78.84 -2.14
N ASP A 384 -28.42 79.48 -2.75
CA ASP A 384 -27.72 78.86 -3.87
C ASP A 384 -26.78 77.75 -3.38
N GLN A 385 -26.40 77.77 -2.10
CA GLN A 385 -25.70 76.63 -1.52
C GLN A 385 -26.66 75.50 -1.19
N LEU A 386 -27.86 75.86 -0.71
CA LEU A 386 -28.89 74.85 -0.40
C LEU A 386 -29.29 74.04 -1.62
N GLU A 387 -29.18 74.63 -2.82
CA GLU A 387 -29.56 73.92 -4.03
C GLU A 387 -28.45 73.02 -4.54
N LYS A 388 -27.18 73.41 -4.33
CA LYS A 388 -26.08 72.57 -4.77
C LYS A 388 -25.80 71.43 -3.79
N ILE A 389 -26.10 71.63 -2.50
CA ILE A 389 -26.08 70.53 -1.55
C ILE A 389 -27.24 69.58 -1.82
N GLN A 390 -28.43 70.13 -2.07
CA GLN A 390 -29.58 69.28 -2.36
C GLN A 390 -29.43 68.53 -3.68
N ASN A 391 -28.68 69.08 -4.64
CA ASN A 391 -28.50 68.38 -5.90
C ASN A 391 -27.40 67.35 -5.81
N ASN A 392 -26.32 67.66 -5.09
CA ASN A 392 -25.24 66.69 -4.92
C ASN A 392 -25.72 65.47 -4.14
N SER A 393 -26.40 65.69 -3.01
CA SER A 393 -26.95 64.57 -2.26
C SER A 393 -27.89 63.75 -3.14
N LYS A 394 -28.71 64.41 -3.97
CA LYS A 394 -29.56 63.67 -4.89
C LYS A 394 -28.73 62.86 -5.88
N LEU A 395 -27.65 63.45 -6.40
CA LEU A 395 -26.78 62.75 -7.34
C LEU A 395 -26.10 61.55 -6.69
N LEU A 396 -25.50 61.75 -5.51
CA LEU A 396 -24.83 60.64 -4.83
C LEU A 396 -25.82 59.56 -4.45
N ARG A 397 -27.00 59.93 -3.96
CA ARG A 397 -27.97 58.90 -3.60
C ARG A 397 -28.37 58.11 -4.83
N ASN A 398 -28.35 58.73 -6.01
CA ASN A 398 -28.64 58.01 -7.24
C ASN A 398 -27.51 57.09 -7.63
N LYS A 399 -26.28 57.40 -7.21
CA LYS A 399 -25.17 56.46 -7.39
C LYS A 399 -25.39 55.21 -6.56
N ALA A 400 -25.74 55.40 -5.28
CA ALA A 400 -26.01 54.26 -4.42
C ALA A 400 -27.02 53.32 -5.03
N VAL A 401 -28.07 53.87 -5.63
CA VAL A 401 -29.10 53.00 -6.17
C VAL A 401 -28.55 52.24 -7.36
N GLN A 402 -27.61 52.83 -8.11
CA GLN A 402 -27.01 52.11 -9.23
C GLN A 402 -26.13 50.97 -8.74
N LEU A 403 -25.41 51.19 -7.64
CA LEU A 403 -24.61 50.13 -7.04
C LEU A 403 -25.49 49.05 -6.44
N GLU A 404 -26.56 49.44 -5.72
CA GLU A 404 -27.50 48.44 -5.25
C GLU A 404 -28.01 47.56 -6.39
N ASN A 405 -28.15 48.12 -7.61
CA ASN A 405 -28.61 47.31 -8.74
C ASN A 405 -27.50 46.39 -9.23
N GLU A 406 -26.28 46.91 -9.29
CA GLU A 406 -25.19 46.04 -9.66
C GLU A 406 -25.10 44.86 -8.71
N LEU A 407 -25.29 45.09 -7.42
CA LEU A 407 -25.20 43.99 -6.47
C LEU A 407 -26.37 43.02 -6.64
N GLU A 408 -27.57 43.54 -6.85
CA GLU A 408 -28.69 42.68 -7.18
C GLU A 408 -28.36 41.81 -8.39
N ASN A 409 -27.60 42.36 -9.34
CA ASN A 409 -27.25 41.67 -10.58
C ASN A 409 -26.15 40.63 -10.34
N PHE A 410 -25.09 40.99 -9.63
CA PHE A 410 -24.08 40.01 -9.25
C PHE A 410 -24.73 38.82 -8.54
N THR A 411 -25.51 39.10 -7.50
CA THR A 411 -26.25 38.05 -6.81
C THR A 411 -27.08 37.23 -7.79
N LYS A 412 -27.67 37.86 -8.80
CA LYS A 412 -28.51 37.09 -9.72
C LYS A 412 -27.67 36.14 -10.57
N GLN A 413 -26.49 36.60 -11.02
CA GLN A 413 -25.67 35.79 -11.90
C GLN A 413 -24.95 34.67 -11.15
N PHE A 414 -24.42 34.98 -9.96
CA PHE A 414 -23.51 34.06 -9.29
C PHE A 414 -24.01 33.48 -7.98
N LEU A 415 -25.23 33.74 -7.53
CA LEU A 415 -25.63 33.45 -6.15
C LEU A 415 -27.11 33.11 -6.08
N PRO A 416 -27.49 31.89 -6.49
CA PRO A 416 -28.90 31.50 -6.35
C PRO A 416 -29.28 31.02 -4.95
N VAL B 12 26.15 -27.05 -9.69
CA VAL B 12 24.81 -27.60 -9.82
C VAL B 12 23.97 -27.14 -8.64
N SER B 13 22.64 -27.27 -8.76
CA SER B 13 21.73 -26.73 -7.76
C SER B 13 22.09 -27.25 -6.38
N PRO B 14 22.24 -26.38 -5.39
CA PRO B 14 22.43 -26.84 -4.00
C PRO B 14 21.24 -27.59 -3.47
N LEU B 15 20.12 -27.63 -4.19
CA LEU B 15 18.94 -28.36 -3.71
C LEU B 15 19.20 -29.86 -3.63
N LYS B 16 19.97 -30.44 -4.58
CA LYS B 16 20.12 -31.89 -4.68
C LYS B 16 20.52 -32.57 -3.37
N HIS B 17 21.09 -31.81 -2.43
CA HIS B 17 21.41 -32.36 -1.12
C HIS B 17 20.17 -32.90 -0.41
N PHE B 18 19.05 -32.18 -0.46
CA PHE B 18 17.84 -32.76 0.12
C PHE B 18 17.46 -34.06 -0.61
N VAL B 19 17.45 -34.02 -1.95
CA VAL B 19 17.10 -35.22 -2.71
C VAL B 19 18.02 -36.37 -2.33
N LEU B 20 19.34 -36.11 -2.28
CA LEU B 20 20.31 -37.15 -1.95
C LEU B 20 19.96 -37.84 -0.65
N ALA B 21 19.80 -37.06 0.41
CA ALA B 21 19.40 -37.63 1.70
C ALA B 21 18.14 -38.48 1.54
N LYS B 22 17.07 -37.88 0.99
CA LYS B 22 15.79 -38.58 0.89
C LYS B 22 15.96 -40.02 0.36
N LYS B 23 16.70 -40.20 -0.73
CA LYS B 23 16.89 -41.55 -1.25
C LYS B 23 17.80 -42.35 -0.34
N ALA B 24 18.83 -41.70 0.22
CA ALA B 24 19.72 -42.39 1.13
C ALA B 24 18.95 -42.96 2.31
N ILE B 25 18.12 -42.14 2.97
CA ILE B 25 17.43 -42.60 4.17
C ILE B 25 16.29 -43.54 3.83
N THR B 26 15.54 -43.25 2.76
CA THR B 26 14.34 -44.01 2.49
C THR B 26 14.64 -45.49 2.25
N ALA B 27 15.79 -45.80 1.65
CA ALA B 27 16.18 -47.19 1.45
C ALA B 27 16.80 -47.80 2.70
N ILE B 28 17.44 -46.98 3.53
CA ILE B 28 17.82 -47.44 4.87
C ILE B 28 16.59 -47.94 5.59
N PHE B 29 15.52 -47.15 5.60
CA PHE B 29 14.32 -47.56 6.31
C PHE B 29 13.63 -48.74 5.64
N ASP B 30 13.88 -48.99 4.35
CA ASP B 30 13.44 -50.24 3.75
C ASP B 30 14.07 -51.44 4.47
N GLN B 31 15.40 -51.56 4.38
CA GLN B 31 16.14 -52.59 5.09
C GLN B 31 15.67 -52.75 6.52
N LEU B 32 15.45 -51.63 7.21
CA LEU B 32 14.82 -51.68 8.53
C LEU B 32 13.54 -52.51 8.51
N LEU B 33 12.67 -52.25 7.55
CA LEU B 33 11.44 -53.04 7.48
C LEU B 33 11.76 -54.48 7.09
N GLU B 34 12.87 -54.69 6.38
CA GLU B 34 13.29 -56.04 6.00
C GLU B 34 13.81 -56.77 7.22
N PHE B 35 14.86 -56.23 7.82
CA PHE B 35 15.48 -56.80 9.02
C PHE B 35 14.47 -57.13 10.12
N VAL B 36 13.62 -56.16 10.46
CA VAL B 36 12.71 -56.30 11.60
C VAL B 36 11.63 -57.35 11.33
N THR B 37 11.27 -57.55 10.06
CA THR B 37 10.28 -58.57 9.74
C THR B 37 10.85 -59.97 9.89
N GLU B 38 12.08 -60.18 9.42
CA GLU B 38 12.76 -61.46 9.59
C GLU B 38 12.99 -61.76 11.06
N GLY B 39 13.41 -60.75 11.82
CA GLY B 39 13.63 -60.95 13.24
C GLY B 39 12.36 -61.18 14.02
N SER B 40 11.23 -60.71 13.53
CA SER B 40 9.98 -60.95 14.24
C SER B 40 9.39 -62.30 13.87
N HIS B 41 9.73 -62.79 12.67
CA HIS B 41 9.34 -64.13 12.28
C HIS B 41 10.03 -65.16 13.15
N PHE B 42 11.22 -64.84 13.64
CA PHE B 42 12.03 -65.76 14.44
C PHE B 42 11.71 -65.70 15.91
N VAL B 43 11.51 -64.50 16.46
CA VAL B 43 10.98 -64.37 17.83
C VAL B 43 9.67 -65.14 17.96
N GLU B 44 8.76 -64.94 17.01
CA GLU B 44 7.44 -65.57 17.11
C GLU B 44 7.55 -67.09 17.13
N ALA B 45 8.39 -67.66 16.26
CA ALA B 45 8.52 -69.12 16.23
C ALA B 45 9.10 -69.65 17.52
N THR B 46 10.24 -69.08 17.96
CA THR B 46 10.86 -69.55 19.19
C THR B 46 9.89 -69.44 20.37
N TYR B 47 9.09 -68.39 20.41
CA TYR B 47 8.08 -68.26 21.46
C TYR B 47 7.02 -69.36 21.35
N LYS B 48 6.38 -69.47 20.19
CA LYS B 48 5.31 -70.44 20.02
C LYS B 48 5.81 -71.88 20.12
N ASN B 49 7.10 -72.11 19.86
CA ASN B 49 7.69 -73.42 20.02
C ASN B 49 7.37 -73.96 21.41
N PRO B 50 6.67 -75.09 21.53
CA PRO B 50 6.28 -75.60 22.84
C PRO B 50 7.37 -76.38 23.51
N GLU B 51 8.45 -76.70 22.80
CA GLU B 51 9.55 -77.47 23.36
C GLU B 51 10.60 -76.59 24.01
N LEU B 52 10.64 -75.31 23.67
CA LEU B 52 11.38 -74.34 24.47
C LEU B 52 10.42 -73.66 25.43
N ASP B 53 10.96 -73.20 26.55
CA ASP B 53 10.16 -72.52 27.57
C ASP B 53 10.92 -71.26 27.93
N ARG B 54 10.31 -70.11 27.65
CA ARG B 54 10.83 -68.81 28.09
C ARG B 54 12.19 -68.50 27.48
N ILE B 55 12.49 -69.03 26.30
CA ILE B 55 13.70 -68.61 25.59
C ILE B 55 13.47 -67.25 24.93
N ALA B 56 12.21 -66.87 24.77
CA ALA B 56 11.81 -65.59 24.24
C ALA B 56 10.45 -65.30 24.85
N THR B 57 10.28 -64.09 25.36
CA THR B 57 9.19 -63.78 26.26
C THR B 57 8.03 -63.11 25.53
N GLU B 58 6.90 -63.02 26.22
CA GLU B 58 5.74 -62.30 25.69
C GLU B 58 6.04 -60.81 25.58
N ASP B 59 6.75 -60.25 26.56
CA ASP B 59 7.29 -58.90 26.42
C ASP B 59 8.10 -58.78 25.13
N ASP B 60 8.96 -59.77 24.89
CA ASP B 60 9.82 -59.76 23.71
C ASP B 60 9.03 -59.98 22.43
N LEU B 61 7.90 -60.69 22.51
CA LEU B 61 7.08 -60.93 21.33
C LEU B 61 6.38 -59.65 20.86
N VAL B 62 5.64 -59.01 21.77
CA VAL B 62 4.84 -57.84 21.41
C VAL B 62 5.71 -56.71 20.88
N GLU B 63 6.95 -56.59 21.38
CA GLU B 63 7.80 -55.51 20.92
C GLU B 63 8.18 -55.69 19.46
N MET B 64 8.50 -56.92 19.04
CA MET B 64 8.80 -57.12 17.64
C MET B 64 7.55 -56.95 16.78
N GLN B 65 6.36 -57.21 17.34
CA GLN B 65 5.14 -57.04 16.56
C GLN B 65 4.82 -55.56 16.33
N GLY B 66 4.87 -54.74 17.39
CA GLY B 66 4.70 -53.31 17.20
C GLY B 66 5.72 -52.72 16.25
N TYR B 67 7.00 -53.04 16.46
CA TYR B 67 8.06 -52.63 15.55
C TYR B 67 7.76 -53.05 14.11
N LYS B 68 7.08 -54.19 13.93
CA LYS B 68 6.73 -54.67 12.61
C LYS B 68 5.67 -53.78 11.97
N ASP B 69 4.59 -53.52 12.68
CA ASP B 69 3.47 -52.76 12.12
C ASP B 69 3.77 -51.26 12.03
N LYS B 70 4.75 -50.77 12.79
CA LYS B 70 5.04 -49.34 12.76
C LYS B 70 6.02 -48.96 11.65
N LEU B 71 6.84 -49.89 11.17
CA LEU B 71 7.93 -49.50 10.29
C LEU B 71 7.47 -49.20 8.87
N SER B 72 6.37 -49.82 8.42
CA SER B 72 5.79 -49.41 7.14
C SER B 72 5.21 -48.01 7.22
N ILE B 73 4.46 -47.70 8.29
CA ILE B 73 3.87 -46.37 8.46
C ILE B 73 4.94 -45.29 8.32
N ILE B 74 6.04 -45.43 9.08
CA ILE B 74 7.07 -44.41 9.07
C ILE B 74 7.78 -44.34 7.72
N GLY B 75 7.76 -45.43 6.93
CA GLY B 75 8.43 -45.42 5.65
C GLY B 75 7.63 -44.77 4.54
N GLU B 76 6.31 -44.83 4.62
CA GLU B 76 5.45 -44.23 3.61
C GLU B 76 5.11 -42.77 3.94
N VAL B 77 5.04 -42.44 5.23
CA VAL B 77 5.07 -41.04 5.61
C VAL B 77 6.41 -40.43 5.22
N LEU B 78 7.51 -41.15 5.44
CA LEU B 78 8.85 -40.66 5.14
C LEU B 78 8.96 -40.20 3.69
N SER B 79 8.42 -40.97 2.75
CA SER B 79 8.63 -40.67 1.34
C SER B 79 7.89 -39.41 0.88
N ARG B 80 6.90 -38.96 1.62
CA ARG B 80 6.19 -37.75 1.24
C ARG B 80 6.90 -36.47 1.68
N ARG B 81 7.97 -36.57 2.46
CA ARG B 81 8.61 -35.38 3.02
C ARG B 81 9.28 -34.56 1.92
N HIS B 82 9.22 -33.24 2.06
CA HIS B 82 9.82 -32.35 1.08
C HIS B 82 10.12 -31.03 1.75
N MET B 83 10.77 -30.15 0.99
CA MET B 83 11.10 -28.80 1.43
C MET B 83 9.96 -27.85 1.05
N LYS B 84 9.40 -27.17 2.03
CA LYS B 84 8.35 -26.17 1.85
C LYS B 84 8.90 -24.78 2.15
N VAL B 85 8.61 -23.82 1.28
CA VAL B 85 8.97 -22.43 1.52
C VAL B 85 7.70 -21.59 1.51
N ALA B 86 7.56 -20.74 2.53
CA ALA B 86 6.34 -19.96 2.73
C ALA B 86 6.63 -18.48 2.52
N PHE B 87 5.69 -17.79 1.85
CA PHE B 87 5.80 -16.37 1.55
C PHE B 87 4.69 -15.58 2.23
N PHE B 88 5.05 -14.49 2.91
CA PHE B 88 4.06 -13.67 3.58
C PHE B 88 4.33 -12.18 3.33
N GLY B 89 3.29 -11.38 3.50
CA GLY B 89 3.36 -9.94 3.35
C GLY B 89 2.03 -9.39 2.90
N ARG B 90 1.80 -8.10 3.18
CA ARG B 90 0.52 -7.49 2.86
C ARG B 90 0.26 -7.53 1.35
N THR B 91 -1.01 -7.33 0.99
CA THR B 91 -1.42 -7.47 -0.39
C THR B 91 -0.66 -6.52 -1.31
N SER B 92 -0.27 -7.03 -2.48
CA SER B 92 0.31 -6.32 -3.62
C SER B 92 1.83 -6.09 -3.51
N SER B 93 2.49 -6.63 -2.49
CA SER B 93 3.93 -6.47 -2.33
C SER B 93 4.74 -7.31 -3.31
N GLY B 94 4.19 -8.43 -3.79
CA GLY B 94 4.88 -9.13 -4.84
C GLY B 94 5.05 -10.62 -4.59
N LYS B 95 4.37 -11.13 -3.58
CA LYS B 95 4.44 -12.54 -3.22
C LYS B 95 4.31 -13.43 -4.46
N SER B 96 3.11 -13.47 -5.06
CA SER B 96 2.92 -14.29 -6.25
C SER B 96 3.95 -13.96 -7.32
N SER B 97 4.40 -12.71 -7.38
CA SER B 97 5.42 -12.37 -8.37
C SER B 97 6.77 -13.00 -8.03
N VAL B 98 7.13 -13.06 -6.73
CA VAL B 98 8.43 -13.62 -6.34
C VAL B 98 8.51 -15.10 -6.67
N ILE B 99 7.64 -15.91 -6.04
CA ILE B 99 7.38 -17.29 -6.44
C ILE B 99 7.59 -17.50 -7.94
N ASN B 100 6.90 -16.70 -8.78
CA ASN B 100 6.91 -16.92 -10.23
C ASN B 100 8.27 -16.66 -10.84
N ALA B 101 8.96 -15.61 -10.39
CA ALA B 101 10.32 -15.37 -10.87
C ALA B 101 11.22 -16.55 -10.56
N MET B 102 10.89 -17.29 -9.51
CA MET B 102 11.71 -18.42 -9.11
C MET B 102 11.37 -19.69 -9.91
N LEU B 103 10.21 -19.71 -10.57
CA LEU B 103 9.79 -20.79 -11.43
C LEU B 103 9.93 -20.45 -12.90
N TRP B 104 10.30 -19.22 -13.22
CA TRP B 104 10.47 -18.74 -14.60
C TRP B 104 9.17 -18.71 -15.38
N ASP B 105 8.04 -18.45 -14.73
CA ASP B 105 6.76 -18.44 -15.44
C ASP B 105 5.66 -17.95 -14.52
N LYS B 106 4.58 -17.48 -15.13
CA LYS B 106 3.49 -16.86 -14.39
C LYS B 106 2.50 -17.90 -13.85
N VAL B 107 2.99 -18.90 -13.12
CA VAL B 107 2.10 -19.94 -12.63
C VAL B 107 1.08 -19.37 -11.63
N LEU B 108 1.55 -18.56 -10.70
CA LEU B 108 0.38 -18.02 -10.02
C LEU B 108 -0.10 -16.76 -10.74
N PRO B 109 -1.38 -16.46 -10.69
CA PRO B 109 -1.86 -15.15 -11.15
C PRO B 109 -1.89 -14.15 -10.00
N SER B 110 -1.84 -12.87 -10.36
CA SER B 110 -1.70 -11.83 -9.34
C SER B 110 -3.01 -11.53 -8.62
N GLY B 111 -4.03 -11.11 -9.38
CA GLY B 111 -5.28 -10.62 -8.83
C GLY B 111 -6.26 -11.62 -8.26
N ILE B 112 -5.79 -12.85 -8.01
CA ILE B 112 -6.59 -13.82 -7.29
C ILE B 112 -6.35 -13.73 -5.79
N GLY B 113 -5.19 -13.22 -5.36
CA GLY B 113 -5.02 -12.79 -3.98
C GLY B 113 -5.79 -11.52 -3.65
N HIS B 114 -6.11 -10.71 -4.66
CA HIS B 114 -6.91 -9.51 -4.45
C HIS B 114 -8.40 -9.78 -4.47
N ILE B 115 -8.86 -10.78 -5.25
CA ILE B 115 -10.27 -11.13 -5.27
C ILE B 115 -10.62 -12.07 -4.12
N THR B 116 -9.75 -13.05 -3.85
CA THR B 116 -9.97 -14.05 -2.84
C THR B 116 -8.77 -14.08 -1.91
N ASN B 117 -8.97 -14.64 -0.71
CA ASN B 117 -7.89 -14.86 0.24
C ASN B 117 -7.77 -16.37 0.44
N CYS B 118 -6.75 -16.96 -0.17
CA CYS B 118 -6.52 -18.39 -0.08
C CYS B 118 -5.03 -18.65 -0.19
N PHE B 119 -4.59 -19.76 0.37
CA PHE B 119 -3.22 -20.19 0.15
C PHE B 119 -3.13 -20.88 -1.21
N LEU B 120 -1.93 -20.87 -1.79
CA LEU B 120 -1.71 -21.46 -3.10
C LEU B 120 -0.33 -22.08 -3.13
N SER B 121 -0.25 -23.34 -3.55
CA SER B 121 1.02 -24.05 -3.60
C SER B 121 1.35 -24.45 -5.03
N VAL B 122 2.64 -24.69 -5.28
CA VAL B 122 3.14 -25.20 -6.55
C VAL B 122 4.07 -26.39 -6.27
N GLU B 123 3.57 -27.59 -6.47
CA GLU B 123 4.43 -28.77 -6.38
C GLU B 123 4.65 -29.34 -7.77
N GLY B 124 5.76 -30.08 -7.92
CA GLY B 124 6.14 -30.59 -9.22
C GLY B 124 5.50 -31.91 -9.62
N THR B 125 4.72 -31.89 -10.70
CA THR B 125 4.15 -33.11 -11.27
C THR B 125 5.06 -33.69 -12.35
N ASP B 126 5.08 -35.02 -12.44
CA ASP B 126 5.85 -35.71 -13.46
C ASP B 126 5.11 -35.81 -14.78
N GLY B 127 4.04 -35.04 -14.97
CA GLY B 127 3.30 -35.03 -16.21
C GLY B 127 3.64 -33.83 -17.07
N ASP B 128 3.16 -33.86 -18.30
CA ASP B 128 3.45 -32.81 -19.26
C ASP B 128 2.48 -31.65 -19.19
N LYS B 129 1.29 -31.86 -18.61
CA LYS B 129 0.28 -30.82 -18.51
C LYS B 129 -0.06 -30.60 -17.03
N ALA B 130 -0.12 -29.33 -16.63
CA ALA B 130 -0.36 -28.94 -15.25
C ALA B 130 -1.80 -29.25 -14.85
N TYR B 131 -2.09 -29.08 -13.55
CA TYR B 131 -3.46 -29.31 -13.11
C TYR B 131 -3.66 -28.75 -11.71
N LEU B 132 -4.94 -28.53 -11.38
CA LEU B 132 -5.39 -27.94 -10.13
C LEU B 132 -6.02 -29.00 -9.24
N MET B 133 -5.80 -28.87 -7.94
CA MET B 133 -6.50 -29.67 -6.95
C MET B 133 -6.80 -28.81 -5.75
N THR B 134 -8.06 -28.85 -5.29
CA THR B 134 -8.48 -28.10 -4.13
C THR B 134 -8.49 -29.01 -2.90
N GLU B 135 -8.98 -28.48 -1.79
CA GLU B 135 -9.18 -29.27 -0.58
C GLU B 135 -10.54 -29.95 -0.62
N GLY B 136 -10.61 -31.16 -0.08
CA GLY B 136 -11.84 -31.92 -0.01
C GLY B 136 -12.10 -32.87 -1.16
N SER B 137 -11.71 -32.48 -2.37
CA SER B 137 -11.93 -33.29 -3.57
C SER B 137 -10.63 -33.84 -4.12
N ASP B 138 -10.76 -34.90 -4.90
CA ASP B 138 -9.65 -35.48 -5.65
C ASP B 138 -9.84 -35.27 -7.15
N GLU B 139 -10.63 -34.27 -7.52
CA GLU B 139 -10.79 -33.90 -8.92
C GLU B 139 -9.56 -33.15 -9.40
N LYS B 140 -9.00 -33.59 -10.51
CA LYS B 140 -7.87 -32.92 -11.15
C LYS B 140 -8.42 -32.09 -12.31
N LYS B 141 -8.49 -30.78 -12.12
CA LYS B 141 -8.79 -29.85 -13.21
C LYS B 141 -7.49 -29.57 -13.94
N SER B 142 -7.41 -30.01 -15.19
CA SER B 142 -6.21 -29.90 -15.99
C SER B 142 -6.14 -28.52 -16.66
N VAL B 143 -4.93 -27.98 -16.76
CA VAL B 143 -4.71 -26.71 -17.43
C VAL B 143 -3.51 -26.85 -18.36
N LYS B 144 -3.47 -25.97 -19.35
CA LYS B 144 -2.41 -25.93 -20.36
C LYS B 144 -1.71 -24.59 -20.41
N THR B 145 -2.47 -23.51 -20.44
CA THR B 145 -1.99 -22.14 -20.43
C THR B 145 -2.20 -21.57 -19.03
N VAL B 146 -1.37 -20.61 -18.66
CA VAL B 146 -1.61 -19.93 -17.39
C VAL B 146 -2.97 -19.25 -17.41
N ASN B 147 -3.38 -18.74 -18.58
CA ASN B 147 -4.67 -18.05 -18.68
C ASN B 147 -5.82 -18.98 -18.32
N GLN B 148 -5.78 -20.23 -18.79
CA GLN B 148 -6.80 -21.20 -18.41
C GLN B 148 -6.75 -21.48 -16.92
N LEU B 149 -5.55 -21.48 -16.34
CA LEU B 149 -5.43 -21.60 -14.89
C LEU B 149 -6.02 -20.38 -14.21
N ALA B 150 -5.48 -19.20 -14.52
CA ALA B 150 -5.97 -17.93 -13.97
C ALA B 150 -7.48 -17.77 -14.14
N HIS B 151 -8.03 -18.31 -15.22
CA HIS B 151 -9.48 -18.26 -15.40
C HIS B 151 -10.18 -19.24 -14.46
N ALA B 152 -9.71 -20.51 -14.45
CA ALA B 152 -10.39 -21.54 -13.65
C ALA B 152 -10.30 -21.24 -12.18
N LEU B 153 -9.15 -20.72 -11.71
CA LEU B 153 -9.07 -20.22 -10.35
C LEU B 153 -10.12 -19.15 -10.10
N HIS B 154 -10.39 -18.30 -11.09
CA HIS B 154 -11.35 -17.22 -10.87
C HIS B 154 -12.76 -17.77 -10.76
N MET B 155 -13.12 -18.69 -11.65
CA MET B 155 -14.47 -19.21 -11.67
C MET B 155 -14.75 -20.16 -10.53
N ASP B 156 -13.72 -20.81 -9.99
CA ASP B 156 -13.94 -21.83 -8.96
C ASP B 156 -14.61 -21.20 -7.75
N LYS B 157 -15.93 -21.32 -7.69
CA LYS B 157 -16.71 -20.77 -6.58
C LYS B 157 -16.29 -21.39 -5.24
N ASP B 158 -15.76 -22.61 -5.26
CA ASP B 158 -15.36 -23.29 -4.03
C ASP B 158 -14.13 -22.67 -3.39
N LEU B 159 -13.43 -21.76 -4.06
CA LEU B 159 -12.21 -21.18 -3.54
C LEU B 159 -12.55 -20.25 -2.38
N LYS B 160 -12.70 -20.84 -1.20
CA LYS B 160 -13.04 -20.10 0.01
C LYS B 160 -11.81 -19.85 0.85
N ALA B 161 -12.01 -19.06 1.92
CA ALA B 161 -10.90 -18.58 2.73
C ALA B 161 -10.16 -19.74 3.38
N GLY B 162 -8.83 -19.66 3.37
CA GLY B 162 -8.01 -20.70 3.96
C GLY B 162 -7.94 -21.96 3.13
N CYS B 163 -8.97 -22.20 2.30
CA CYS B 163 -8.94 -23.31 1.38
C CYS B 163 -7.78 -23.13 0.40
N LEU B 164 -6.82 -24.05 0.45
CA LEU B 164 -5.64 -23.97 -0.38
C LEU B 164 -5.78 -24.86 -1.59
N VAL B 165 -5.40 -24.34 -2.75
CA VAL B 165 -5.36 -25.10 -3.99
C VAL B 165 -3.92 -25.49 -4.24
N ARG B 166 -3.71 -26.78 -4.47
CA ARG B 166 -2.44 -27.25 -4.99
C ARG B 166 -2.45 -27.02 -6.49
N VAL B 167 -1.46 -26.29 -6.99
CA VAL B 167 -1.16 -26.29 -8.41
C VAL B 167 0.00 -27.24 -8.63
N PHE B 168 -0.15 -28.15 -9.59
CA PHE B 168 0.92 -29.06 -9.96
C PHE B 168 1.51 -28.58 -11.29
N TRP B 169 2.81 -28.32 -11.29
CA TRP B 169 3.49 -27.75 -12.44
C TRP B 169 4.56 -28.73 -12.92
N PRO B 170 4.68 -28.97 -14.23
CA PRO B 170 5.53 -30.07 -14.70
C PRO B 170 6.96 -29.91 -14.22
N LYS B 171 7.51 -31.02 -13.68
CA LYS B 171 8.85 -31.00 -13.13
C LYS B 171 9.89 -30.63 -14.19
N ALA B 172 9.69 -31.05 -15.44
CA ALA B 172 10.60 -30.70 -16.52
C ALA B 172 10.59 -29.23 -16.91
N LYS B 173 9.65 -28.42 -16.38
CA LYS B 173 9.57 -27.01 -16.73
C LYS B 173 10.31 -26.09 -15.76
N CYS B 174 10.77 -26.61 -14.62
CA CYS B 174 11.52 -25.80 -13.66
C CYS B 174 12.26 -26.72 -12.69
N ALA B 175 13.55 -26.43 -12.46
CA ALA B 175 14.38 -27.32 -11.64
C ALA B 175 13.83 -27.43 -10.21
N LEU B 176 13.41 -26.31 -9.63
CA LEU B 176 13.00 -26.30 -8.22
C LEU B 176 11.93 -27.34 -7.94
N LEU B 177 10.90 -27.42 -8.78
CA LEU B 177 9.84 -28.41 -8.58
C LEU B 177 10.35 -29.81 -8.87
N ARG B 178 11.23 -29.94 -9.87
CA ARG B 178 11.92 -31.21 -10.10
C ARG B 178 12.67 -31.64 -8.86
N ASP B 179 13.36 -30.70 -8.21
CA ASP B 179 14.19 -30.98 -7.05
C ASP B 179 13.45 -30.86 -5.72
N ASP B 180 12.22 -31.36 -5.70
CA ASP B 180 11.47 -31.72 -4.49
C ASP B 180 11.06 -30.53 -3.65
N LEU B 181 11.02 -29.33 -4.23
CA LEU B 181 10.66 -28.11 -3.53
C LEU B 181 9.18 -27.79 -3.74
N VAL B 182 8.49 -27.43 -2.67
CA VAL B 182 7.13 -26.90 -2.74
C VAL B 182 7.13 -25.45 -2.26
N LEU B 183 6.45 -24.57 -3.01
CA LEU B 183 6.38 -23.14 -2.73
C LEU B 183 4.94 -22.76 -2.40
N VAL B 184 4.75 -21.84 -1.44
CA VAL B 184 3.40 -21.52 -0.99
C VAL B 184 3.18 -20.01 -0.90
N ASP B 185 2.25 -19.50 -1.72
CA ASP B 185 1.71 -18.16 -1.51
C ASP B 185 0.68 -18.21 -0.40
N SER B 186 0.18 -17.04 -0.01
CA SER B 186 -0.67 -16.93 1.16
C SER B 186 -1.43 -15.62 1.11
N PRO B 187 -2.50 -15.50 1.88
CA PRO B 187 -3.22 -14.21 1.95
C PRO B 187 -2.35 -13.10 2.52
N GLY B 188 -2.53 -11.90 1.95
CA GLY B 188 -1.83 -10.75 2.46
C GLY B 188 -2.14 -10.51 3.93
N THR B 189 -1.11 -10.15 4.68
CA THR B 189 -1.25 -9.96 6.11
C THR B 189 -1.91 -8.63 6.46
N ASP B 190 -2.57 -7.98 5.50
CA ASP B 190 -3.15 -6.65 5.65
C ASP B 190 -4.06 -6.53 6.87
N THR B 193 -7.04 -8.88 8.93
CA THR B 193 -7.70 -10.09 8.44
C THR B 193 -7.90 -11.11 9.58
N GLU B 194 -8.31 -12.33 9.22
CA GLU B 194 -8.60 -13.40 10.18
C GLU B 194 -7.55 -14.51 10.14
N LEU B 195 -6.36 -14.22 9.63
CA LEU B 195 -5.29 -15.20 9.48
C LEU B 195 -4.51 -15.44 10.76
N ASP B 196 -4.92 -14.82 11.87
CA ASP B 196 -4.22 -14.96 13.14
C ASP B 196 -4.06 -16.42 13.54
N SER B 197 -5.15 -17.08 13.91
CA SER B 197 -5.09 -18.45 14.38
C SER B 197 -5.27 -19.48 13.26
N TRP B 198 -5.22 -19.05 12.00
CA TRP B 198 -5.54 -19.95 10.90
C TRP B 198 -4.32 -20.70 10.35
N ILE B 199 -3.12 -20.18 10.56
CA ILE B 199 -1.97 -20.62 9.77
C ILE B 199 -1.53 -22.02 10.17
N ASP B 200 -1.16 -22.21 11.44
CA ASP B 200 -0.76 -23.49 12.03
C ASP B 200 0.05 -24.37 11.07
N LYS B 201 -0.19 -25.68 11.10
CA LYS B 201 0.57 -26.60 10.26
C LYS B 201 0.28 -26.44 8.77
N PHE B 202 -0.70 -25.61 8.40
CA PHE B 202 -1.04 -25.41 6.98
C PHE B 202 -0.03 -24.53 6.28
N CYS B 203 0.73 -23.72 7.03
CA CYS B 203 1.91 -23.07 6.49
C CYS B 203 3.08 -22.99 7.47
N LEU B 204 2.88 -23.09 8.80
CA LEU B 204 4.00 -23.13 9.75
C LEU B 204 4.76 -24.43 9.72
N ASP B 205 4.34 -25.38 8.87
CA ASP B 205 5.08 -26.60 8.58
C ASP B 205 6.34 -26.33 7.75
N ALA B 206 6.52 -25.10 7.25
CA ALA B 206 7.56 -24.79 6.29
C ALA B 206 8.94 -24.77 6.93
N ASP B 207 9.96 -24.85 6.07
CA ASP B 207 11.34 -24.83 6.51
C ASP B 207 11.93 -23.44 6.45
N VAL B 208 11.48 -22.61 5.51
CA VAL B 208 11.92 -21.23 5.36
C VAL B 208 10.71 -20.33 5.14
N PHE B 209 10.62 -19.23 5.87
CA PHE B 209 9.59 -18.22 5.62
C PHE B 209 10.22 -17.02 4.94
N VAL B 210 9.66 -16.60 3.79
CA VAL B 210 10.07 -15.36 3.13
C VAL B 210 9.06 -14.25 3.41
N LEU B 211 9.56 -13.07 3.75
CA LEU B 211 8.74 -11.87 3.96
C LEU B 211 8.91 -10.93 2.77
N VAL B 212 7.89 -10.82 1.93
CA VAL B 212 7.94 -9.89 0.81
C VAL B 212 7.42 -8.53 1.29
N ALA B 213 8.33 -7.57 1.38
CA ALA B 213 8.04 -6.21 1.85
C ALA B 213 8.00 -5.24 0.70
N ASN B 214 7.02 -4.35 0.73
CA ASN B 214 6.87 -3.35 -0.31
C ASN B 214 7.80 -2.17 -0.01
N SER B 215 8.84 -1.99 -0.84
CA SER B 215 9.84 -0.97 -0.55
C SER B 215 9.23 0.41 -0.53
N GLU B 216 8.08 0.59 -1.16
CA GLU B 216 7.45 1.89 -1.20
C GLU B 216 7.02 2.37 0.17
N SER B 217 6.81 1.46 1.12
CA SER B 217 6.48 1.87 2.47
C SER B 217 7.65 1.61 3.40
N THR B 218 7.38 1.65 4.70
CA THR B 218 8.29 1.20 5.74
C THR B 218 7.76 -0.14 6.26
N LEU B 219 8.66 -0.96 6.80
CA LEU B 219 8.19 -2.25 7.29
C LEU B 219 7.17 -2.02 8.39
N MET B 220 5.97 -2.53 8.19
CA MET B 220 4.82 -2.20 9.02
C MET B 220 4.65 -3.27 10.10
N ASN B 221 3.90 -2.91 11.13
CA ASN B 221 3.66 -3.86 12.20
C ASN B 221 2.91 -5.08 11.69
N THR B 222 1.98 -4.87 10.75
CA THR B 222 1.13 -5.97 10.27
C THR B 222 1.96 -7.19 9.88
N GLU B 223 3.07 -6.98 9.19
CA GLU B 223 4.00 -8.07 8.88
C GLU B 223 4.75 -8.52 10.12
N LYS B 224 5.37 -7.59 10.84
CA LYS B 224 6.07 -7.95 12.05
C LYS B 224 5.12 -8.64 13.03
N HIS B 225 3.91 -8.08 13.19
CA HIS B 225 2.93 -8.66 14.11
C HIS B 225 2.65 -10.11 13.78
N PHE B 226 2.84 -10.50 12.52
CA PHE B 226 2.60 -11.87 12.09
C PHE B 226 3.78 -12.77 12.42
N PHE B 227 4.95 -12.44 11.88
CA PHE B 227 6.15 -13.25 12.15
C PHE B 227 6.46 -13.32 13.65
N HIS B 228 6.13 -12.26 14.41
CA HIS B 228 6.32 -12.34 15.86
C HIS B 228 5.38 -13.36 16.48
N LYS B 229 4.14 -13.42 16.00
CA LYS B 229 3.20 -14.43 16.48
C LYS B 229 3.65 -15.82 16.08
N VAL B 230 4.16 -15.97 14.85
CA VAL B 230 4.69 -17.25 14.39
C VAL B 230 5.92 -17.64 15.21
N ASN B 231 6.81 -16.69 15.45
CA ASN B 231 8.05 -16.98 16.17
C ASN B 231 7.80 -17.49 17.59
N GLU B 232 6.67 -17.14 18.20
CA GLU B 232 6.40 -17.59 19.57
C GLU B 232 6.18 -19.09 19.62
N ARG B 233 5.32 -19.62 18.74
CA ARG B 233 5.13 -21.07 18.62
C ARG B 233 6.10 -21.69 17.65
N LEU B 234 7.37 -21.31 17.73
CA LEU B 234 8.39 -21.81 16.82
C LEU B 234 9.75 -21.45 17.40
N SER B 235 10.76 -22.20 16.98
CA SER B 235 12.11 -22.01 17.49
C SER B 235 13.05 -21.86 16.30
N LYS B 236 13.94 -20.86 16.39
CA LYS B 236 14.99 -20.56 15.43
C LYS B 236 14.61 -20.74 13.96
N PRO B 237 13.39 -20.36 13.53
CA PRO B 237 13.07 -20.52 12.11
C PRO B 237 13.85 -19.51 11.30
N ASN B 238 14.39 -19.95 10.18
CA ASN B 238 15.13 -19.02 9.34
C ASN B 238 14.17 -18.30 8.39
N ILE B 239 14.46 -17.02 8.17
CA ILE B 239 13.56 -16.07 7.51
C ILE B 239 14.42 -15.19 6.60
N PHE B 240 13.94 -14.98 5.38
CA PHE B 240 14.50 -13.96 4.50
C PHE B 240 13.51 -12.80 4.36
N ILE B 241 14.03 -11.57 4.24
CA ILE B 241 13.20 -10.41 3.95
C ILE B 241 13.54 -9.94 2.54
N LEU B 242 12.56 -9.94 1.66
CA LEU B 242 12.73 -9.45 0.31
C LEU B 242 12.14 -8.04 0.24
N ASN B 243 13.01 -7.04 0.16
CA ASN B 243 12.53 -5.68 -0.09
C ASN B 243 12.25 -5.59 -1.58
N ASN B 244 11.00 -5.84 -1.91
CA ASN B 244 10.54 -5.92 -3.31
C ASN B 244 10.00 -4.56 -3.79
N ARG B 245 9.83 -4.45 -5.11
CA ARG B 245 9.46 -3.20 -5.78
C ARG B 245 10.58 -2.17 -5.70
N TRP B 246 11.83 -2.64 -5.61
CA TRP B 246 12.95 -1.73 -5.43
C TRP B 246 13.17 -0.81 -6.63
N ASP B 247 12.57 -1.09 -7.78
CA ASP B 247 12.66 -0.15 -8.88
C ASP B 247 12.04 1.19 -8.51
N ALA B 248 11.01 1.19 -7.64
CA ALA B 248 10.33 2.43 -7.26
C ALA B 248 11.25 3.35 -6.49
N SER B 249 12.17 2.78 -5.71
CA SER B 249 13.13 3.60 -5.01
C SER B 249 14.21 4.09 -5.95
N ALA B 250 14.61 3.26 -6.91
CA ALA B 250 15.71 3.62 -7.79
C ALA B 250 15.30 4.67 -8.80
N SER B 251 14.01 4.73 -9.15
CA SER B 251 13.55 5.80 -10.03
C SER B 251 13.84 7.19 -9.45
N GLU B 252 13.99 7.32 -8.13
CA GLU B 252 14.19 8.59 -7.46
C GLU B 252 15.52 8.54 -6.73
N PRO B 253 16.63 8.81 -7.45
CA PRO B 253 17.96 8.69 -6.83
C PRO B 253 18.23 9.71 -5.74
N GLU B 254 17.54 10.86 -5.76
CA GLU B 254 17.79 11.91 -4.78
C GLU B 254 17.50 11.44 -3.36
N TYR B 255 16.63 10.46 -3.20
CA TYR B 255 16.26 9.94 -1.89
C TYR B 255 16.61 8.46 -1.73
N MET B 256 17.45 7.92 -2.61
CA MET B 256 17.58 6.47 -2.71
C MET B 256 18.58 5.89 -1.71
N GLU B 257 19.76 6.50 -1.58
CA GLU B 257 20.71 6.08 -0.56
C GLU B 257 20.02 6.03 0.80
N ASP B 258 19.30 7.09 1.15
CA ASP B 258 18.58 7.14 2.42
C ASP B 258 17.56 6.01 2.54
N VAL B 259 16.69 5.86 1.55
CA VAL B 259 15.60 4.91 1.70
C VAL B 259 16.15 3.50 1.83
N ARG B 260 17.29 3.23 1.16
CA ARG B 260 17.91 1.92 1.27
C ARG B 260 18.59 1.74 2.62
N ARG B 261 19.29 2.77 3.10
CA ARG B 261 19.90 2.67 4.42
C ARG B 261 18.83 2.34 5.47
N GLN B 262 17.74 3.11 5.49
CA GLN B 262 16.72 2.92 6.52
C GLN B 262 16.11 1.52 6.46
N HIS B 263 15.90 0.99 5.25
CA HIS B 263 15.32 -0.34 5.13
C HIS B 263 16.29 -1.42 5.60
N MET B 264 17.57 -1.27 5.23
CA MET B 264 18.58 -2.13 5.82
C MET B 264 18.49 -2.07 7.33
N GLU B 265 18.49 -0.88 7.90
CA GLU B 265 18.63 -0.73 9.33
C GLU B 265 17.50 -1.45 10.06
N ARG B 266 16.27 -1.26 9.62
CA ARG B 266 15.15 -1.86 10.33
C ARG B 266 15.09 -3.35 10.09
N CYS B 267 15.39 -3.78 8.84
CA CYS B 267 15.47 -5.21 8.56
C CYS B 267 16.49 -5.87 9.46
N LEU B 268 17.73 -5.35 9.45
CA LEU B 268 18.77 -5.81 10.36
C LEU B 268 18.27 -5.89 11.80
N HIS B 269 17.66 -4.82 12.29
CA HIS B 269 17.21 -4.81 13.68
C HIS B 269 16.18 -5.88 13.94
N PHE B 270 15.29 -6.11 12.97
CA PHE B 270 14.17 -7.04 13.16
C PHE B 270 14.67 -8.46 13.37
N LEU B 271 15.57 -8.90 12.49
CA LEU B 271 16.10 -10.26 12.55
C LEU B 271 16.98 -10.45 13.78
N VAL B 272 17.95 -9.55 13.97
CA VAL B 272 18.95 -9.74 15.00
C VAL B 272 18.35 -9.50 16.39
N GLU B 273 17.78 -8.32 16.60
CA GLU B 273 17.29 -7.93 17.92
C GLU B 273 15.86 -8.42 18.17
N GLU B 274 14.89 -7.90 17.43
CA GLU B 274 13.49 -8.20 17.71
C GLU B 274 13.21 -9.71 17.67
N LEU B 275 13.51 -10.36 16.54
CA LEU B 275 13.20 -11.77 16.37
C LEU B 275 14.22 -12.71 16.97
N LYS B 276 15.48 -12.26 17.13
CA LYS B 276 16.58 -13.12 17.61
C LYS B 276 16.67 -14.41 16.80
N VAL B 277 16.72 -14.28 15.48
CA VAL B 277 16.76 -15.43 14.60
C VAL B 277 18.12 -15.61 13.92
N VAL B 278 18.89 -14.55 13.75
CA VAL B 278 20.22 -14.66 13.16
C VAL B 278 21.14 -13.69 13.87
N ASN B 279 22.41 -13.70 13.51
CA ASN B 279 23.35 -12.71 14.01
C ASN B 279 23.61 -11.66 12.95
N ALA B 280 24.18 -10.54 13.40
CA ALA B 280 24.36 -9.37 12.54
C ALA B 280 25.19 -9.64 11.28
N LEU B 281 26.03 -10.68 11.30
CA LEU B 281 26.85 -10.98 10.12
C LEU B 281 26.13 -11.89 9.13
N GLU B 282 25.27 -12.77 9.61
CA GLU B 282 24.49 -13.62 8.73
C GLU B 282 23.21 -12.97 8.28
N ALA B 283 22.66 -12.04 9.07
CA ALA B 283 21.55 -11.23 8.61
C ALA B 283 21.82 -10.60 7.26
N GLN B 284 23.09 -10.21 7.01
CA GLN B 284 23.44 -9.61 5.73
C GLN B 284 22.95 -10.43 4.55
N ASN B 285 23.18 -11.74 4.59
CA ASN B 285 22.65 -12.64 3.57
C ASN B 285 21.25 -13.13 3.90
N ARG B 286 20.46 -12.28 4.57
CA ARG B 286 19.05 -12.56 4.82
C ARG B 286 18.15 -11.44 4.35
N ILE B 287 18.72 -10.35 3.82
CA ILE B 287 17.95 -9.19 3.35
C ILE B 287 18.36 -8.91 1.92
N PHE B 288 17.38 -8.63 1.07
CA PHE B 288 17.70 -8.36 -0.32
C PHE B 288 16.84 -7.22 -0.85
N PHE B 289 17.42 -6.50 -1.81
CA PHE B 289 16.75 -5.40 -2.50
C PHE B 289 16.62 -5.76 -3.98
N VAL B 290 15.41 -6.17 -4.38
CA VAL B 290 15.11 -6.78 -5.66
C VAL B 290 13.90 -6.13 -6.32
N SER B 291 13.57 -6.61 -7.52
CA SER B 291 12.35 -6.23 -8.26
C SER B 291 11.80 -7.50 -8.93
N ALA B 292 10.95 -8.23 -8.20
CA ALA B 292 10.40 -9.49 -8.71
C ALA B 292 9.96 -9.39 -10.16
N LYS B 293 9.14 -8.39 -10.48
CA LYS B 293 8.62 -8.23 -11.83
C LYS B 293 9.74 -8.16 -12.86
N GLU B 294 10.85 -7.49 -12.51
CA GLU B 294 11.96 -7.45 -13.45
C GLU B 294 12.52 -8.84 -13.70
N VAL B 295 12.69 -9.64 -12.63
CA VAL B 295 13.23 -10.99 -12.80
C VAL B 295 12.27 -11.86 -13.63
N LEU B 296 10.98 -11.87 -13.25
CA LEU B 296 9.99 -12.63 -14.02
C LEU B 296 10.04 -12.27 -15.49
N SER B 297 10.12 -10.97 -15.79
CA SER B 297 10.26 -10.51 -17.17
C SER B 297 11.54 -11.04 -17.80
N ALA B 298 12.70 -10.76 -17.19
CA ALA B 298 13.97 -11.24 -17.74
C ALA B 298 13.91 -12.72 -18.08
N ARG B 299 13.29 -13.52 -17.21
CA ARG B 299 13.32 -14.98 -17.33
C ARG B 299 12.21 -15.56 -18.20
N LYS B 300 11.01 -14.97 -18.17
CA LYS B 300 9.97 -15.39 -19.08
C LYS B 300 10.36 -15.07 -20.52
N GLN B 301 11.13 -14.01 -20.71
CA GLN B 301 11.64 -13.66 -22.03
C GLN B 301 12.78 -14.59 -22.44
N LYS B 302 13.71 -14.88 -21.51
CA LYS B 302 14.79 -15.83 -21.82
C LYS B 302 14.27 -17.25 -22.01
N ALA B 303 13.16 -17.60 -21.37
CA ALA B 303 12.57 -18.94 -21.56
C ALA B 303 12.31 -19.24 -23.02
N GLN B 304 12.00 -18.22 -23.82
CA GLN B 304 11.77 -18.38 -25.24
C GLN B 304 12.99 -18.06 -26.08
N GLY B 305 14.15 -17.88 -25.45
CA GLY B 305 15.38 -17.67 -26.17
C GLY B 305 15.60 -16.28 -26.73
N MET B 306 14.63 -15.37 -26.56
CA MET B 306 14.80 -14.00 -26.99
C MET B 306 15.90 -13.31 -26.17
N PRO B 307 16.63 -12.37 -26.78
CA PRO B 307 17.55 -11.54 -25.99
C PRO B 307 16.76 -10.66 -25.04
N GLU B 308 17.47 -10.05 -24.09
CA GLU B 308 16.79 -9.20 -23.11
C GLU B 308 16.57 -7.80 -23.69
N SER B 309 15.37 -7.25 -23.43
CA SER B 309 14.95 -5.98 -23.99
C SER B 309 13.67 -5.55 -23.29
N GLY B 310 13.53 -4.24 -23.08
CA GLY B 310 12.34 -3.67 -22.49
C GLY B 310 11.96 -4.29 -21.16
N VAL B 311 12.96 -4.69 -20.38
CA VAL B 311 12.73 -5.36 -19.11
C VAL B 311 12.97 -4.44 -17.93
N ALA B 312 13.96 -3.55 -18.03
CA ALA B 312 14.28 -2.66 -16.91
C ALA B 312 13.11 -1.75 -16.60
N LEU B 313 12.75 -1.68 -15.33
CA LEU B 313 11.74 -0.74 -14.84
C LEU B 313 12.35 0.56 -14.34
N ALA B 314 13.68 0.61 -14.22
CA ALA B 314 14.46 1.71 -13.66
C ALA B 314 15.93 1.32 -13.78
N GLU B 315 16.80 2.34 -13.85
CA GLU B 315 18.23 2.09 -13.90
C GLU B 315 18.66 1.19 -12.74
N GLY B 316 19.69 0.39 -12.97
CA GLY B 316 20.17 -0.54 -11.97
C GLY B 316 19.54 -1.92 -12.03
N PHE B 317 18.74 -2.20 -13.06
CA PHE B 317 18.13 -3.51 -13.21
C PHE B 317 19.12 -4.65 -13.01
N HIS B 318 20.33 -4.53 -13.55
CA HIS B 318 21.30 -5.61 -13.44
C HIS B 318 21.64 -5.91 -11.99
N ALA B 319 21.74 -4.88 -11.16
CA ALA B 319 22.06 -5.10 -9.75
C ALA B 319 20.91 -5.82 -9.05
N ARG B 320 19.68 -5.40 -9.33
CA ARG B 320 18.52 -6.07 -8.74
C ARG B 320 18.48 -7.52 -9.16
N LEU B 321 18.81 -7.79 -10.42
CA LEU B 321 18.92 -9.16 -10.89
C LEU B 321 20.03 -9.88 -10.16
N GLN B 322 21.21 -9.26 -10.05
CA GLN B 322 22.31 -9.89 -9.32
C GLN B 322 21.91 -10.21 -7.90
N GLU B 323 21.15 -9.31 -7.28
CA GLU B 323 20.75 -9.57 -5.90
C GLU B 323 19.72 -10.70 -5.81
N PHE B 324 18.81 -10.82 -6.78
CA PHE B 324 17.84 -11.90 -6.73
C PHE B 324 18.50 -13.25 -6.97
N GLN B 325 19.48 -13.29 -7.85
CA GLN B 325 20.23 -14.53 -8.06
C GLN B 325 21.04 -14.89 -6.82
N ASN B 326 21.72 -13.93 -6.20
CA ASN B 326 22.43 -14.21 -4.96
C ASN B 326 21.47 -14.65 -3.87
N PHE B 327 20.30 -14.01 -3.80
CA PHE B 327 19.29 -14.45 -2.84
C PHE B 327 18.88 -15.89 -3.10
N GLU B 328 18.69 -16.26 -4.37
CA GLU B 328 18.24 -17.62 -4.67
C GLU B 328 19.27 -18.66 -4.25
N GLN B 329 20.53 -18.47 -4.68
CA GLN B 329 21.61 -19.30 -4.18
C GLN B 329 21.54 -19.47 -2.66
N ILE B 330 21.54 -18.35 -1.93
CA ILE B 330 21.56 -18.42 -0.47
C ILE B 330 20.31 -19.11 0.05
N PHE B 331 19.17 -18.84 -0.57
CA PHE B 331 17.94 -19.52 -0.15
C PHE B 331 18.07 -21.04 -0.31
N GLU B 332 18.63 -21.48 -1.45
CA GLU B 332 18.71 -22.91 -1.70
C GLU B 332 19.75 -23.57 -0.82
N GLU B 333 20.90 -22.92 -0.63
CA GLU B 333 21.86 -23.40 0.37
C GLU B 333 21.20 -23.57 1.73
N CYS B 334 20.33 -22.62 2.10
CA CYS B 334 19.72 -22.66 3.42
C CYS B 334 18.75 -23.83 3.56
N ILE B 335 17.79 -23.95 2.63
CA ILE B 335 16.71 -24.92 2.77
C ILE B 335 17.16 -26.33 2.40
N SER B 336 18.33 -26.48 1.77
CA SER B 336 18.92 -27.81 1.60
C SER B 336 19.51 -28.32 2.92
N GLN B 337 20.24 -27.46 3.64
CA GLN B 337 20.84 -27.87 4.90
C GLN B 337 19.77 -28.03 6.00
N SER B 338 18.90 -27.03 6.14
CA SER B 338 17.91 -27.06 7.21
C SER B 338 16.90 -28.20 7.03
N ALA B 339 16.52 -28.49 5.79
CA ALA B 339 15.40 -29.41 5.62
C ALA B 339 15.80 -30.85 5.89
N VAL B 340 17.04 -31.22 5.57
CA VAL B 340 17.52 -32.56 5.93
C VAL B 340 17.45 -32.76 7.44
N LYS B 341 17.77 -31.72 8.20
CA LYS B 341 17.79 -31.84 9.65
C LYS B 341 16.37 -31.87 10.23
N THR B 342 15.48 -31.02 9.73
CA THR B 342 14.20 -30.91 10.40
C THR B 342 13.26 -32.05 10.04
N LYS B 343 13.41 -32.59 8.84
CA LYS B 343 12.45 -33.58 8.36
C LYS B 343 12.90 -35.02 8.61
N PHE B 344 14.18 -35.24 8.91
CA PHE B 344 14.77 -36.58 8.95
C PHE B 344 15.40 -36.96 10.27
N GLU B 345 16.01 -36.01 11.00
CA GLU B 345 16.91 -36.41 12.09
C GLU B 345 16.18 -37.22 13.16
N GLN B 346 14.97 -36.82 13.54
CA GLN B 346 14.22 -37.57 14.55
C GLN B 346 13.97 -39.00 14.09
N HIS B 347 13.59 -39.17 12.83
CA HIS B 347 13.42 -40.51 12.27
C HIS B 347 14.71 -41.32 12.32
N THR B 348 15.86 -40.68 12.14
CA THR B 348 17.14 -41.32 12.41
C THR B 348 17.25 -41.72 13.88
N ILE B 349 16.96 -40.78 14.79
CA ILE B 349 17.01 -41.13 16.21
C ILE B 349 16.05 -42.27 16.51
N ARG B 350 14.84 -42.22 15.94
CA ARG B 350 13.91 -43.33 16.12
C ARG B 350 14.50 -44.63 15.60
N ALA B 351 15.27 -44.57 14.51
CA ALA B 351 15.83 -45.78 13.92
C ALA B 351 16.92 -46.39 14.79
N LYS B 352 17.92 -45.58 15.17
CA LYS B 352 19.00 -46.08 16.03
C LYS B 352 18.48 -46.54 17.38
N GLN B 353 17.41 -45.89 17.86
CA GLN B 353 16.70 -46.43 19.00
C GLN B 353 16.21 -47.85 18.74
N ILE B 354 15.56 -48.07 17.59
CA ILE B 354 14.91 -49.35 17.31
C ILE B 354 15.94 -50.47 17.16
N LEU B 355 17.09 -50.17 16.55
CA LEU B 355 18.14 -51.18 16.40
C LEU B 355 18.72 -51.58 17.76
N ALA B 356 19.16 -50.62 18.55
CA ALA B 356 19.62 -50.91 19.90
C ALA B 356 18.59 -51.72 20.67
N THR B 357 17.30 -51.48 20.46
CA THR B 357 16.29 -52.28 21.15
C THR B 357 16.13 -53.64 20.52
N VAL B 358 16.21 -53.74 19.19
CA VAL B 358 16.10 -55.04 18.57
C VAL B 358 17.35 -55.86 18.86
N LYS B 359 18.54 -55.25 18.80
CA LYS B 359 19.74 -56.06 18.97
C LYS B 359 19.94 -56.53 20.40
N ASN B 360 19.36 -55.84 21.38
CA ASN B 360 19.35 -56.39 22.74
C ASN B 360 18.32 -57.51 22.88
N ILE B 361 17.26 -57.47 22.08
CA ILE B 361 16.26 -58.52 22.14
C ILE B 361 16.85 -59.85 21.67
N MET B 362 17.60 -59.82 20.56
CA MET B 362 18.28 -61.02 20.08
C MET B 362 19.26 -61.55 21.12
N ASP B 363 20.17 -60.68 21.57
CA ASP B 363 21.12 -61.07 22.60
C ASP B 363 20.42 -61.70 23.79
N SER B 364 19.29 -61.12 24.20
CA SER B 364 18.55 -61.66 25.34
C SER B 364 18.05 -63.08 25.10
N VAL B 365 17.82 -63.46 23.85
CA VAL B 365 17.45 -64.86 23.61
C VAL B 365 18.69 -65.71 23.31
N ASN B 366 19.75 -65.12 22.74
CA ASN B 366 20.98 -65.87 22.53
C ASN B 366 21.56 -66.36 23.85
N LEU B 367 21.48 -65.51 24.88
CA LEU B 367 21.97 -65.79 26.22
C LEU B 367 21.02 -66.71 26.97
N ALA B 368 19.71 -66.54 26.80
CA ALA B 368 18.78 -67.50 27.37
C ALA B 368 19.01 -68.88 26.76
N ALA B 369 19.34 -68.92 25.47
CA ALA B 369 19.67 -70.17 24.80
C ALA B 369 20.95 -70.79 25.36
N GLU B 370 22.00 -70.00 25.48
CA GLU B 370 23.24 -70.48 26.06
C GLU B 370 23.02 -71.03 27.48
N ASP B 371 22.32 -70.25 28.33
CA ASP B 371 22.08 -70.66 29.70
C ASP B 371 21.20 -71.90 29.82
N LYS B 372 20.57 -72.33 28.73
CA LYS B 372 19.90 -73.63 28.71
C LYS B 372 20.88 -74.73 28.29
N ARG B 373 21.52 -74.52 27.14
CA ARG B 373 22.52 -75.43 26.60
C ARG B 373 23.67 -75.65 27.58
N HIS B 374 23.91 -74.72 28.48
CA HIS B 374 25.06 -74.78 29.38
C HIS B 374 24.73 -75.39 30.73
N TYR B 375 23.60 -75.02 31.34
CA TYR B 375 23.21 -75.42 32.68
C TYR B 375 22.01 -76.36 32.72
N SER B 376 21.61 -76.95 31.60
CA SER B 376 20.47 -77.88 31.68
C SER B 376 20.35 -78.80 30.48
N ALA B 377 21.39 -79.00 29.68
CA ALA B 377 21.28 -79.88 28.52
C ALA B 377 20.78 -81.24 28.96
N ARG B 378 19.86 -81.80 28.20
CA ARG B 378 19.31 -83.11 28.52
C ARG B 378 19.69 -84.15 27.47
N LEU B 379 19.36 -83.89 26.21
CA LEU B 379 19.57 -84.81 25.11
C LEU B 379 20.29 -84.08 23.99
N PRO B 380 20.87 -84.80 23.04
CA PRO B 380 21.40 -84.12 21.85
C PRO B 380 20.33 -83.33 21.11
N LYS B 381 19.06 -83.73 21.17
CA LYS B 381 18.02 -83.02 20.42
C LYS B 381 17.72 -81.66 21.05
N GLU B 382 17.62 -81.60 22.38
CA GLU B 382 17.59 -80.32 23.06
C GLU B 382 18.82 -79.48 22.67
N ILE B 383 20.01 -80.08 22.75
CA ILE B 383 21.23 -79.37 22.42
C ILE B 383 21.21 -78.90 20.98
N ASP B 384 20.66 -79.72 20.08
CA ASP B 384 20.62 -79.30 18.68
C ASP B 384 19.71 -78.09 18.49
N GLN B 385 18.56 -78.07 19.18
CA GLN B 385 17.61 -76.99 18.98
C GLN B 385 18.11 -75.69 19.59
N LEU B 386 18.78 -75.77 20.75
CA LEU B 386 19.28 -74.57 21.39
C LEU B 386 20.44 -73.94 20.61
N GLU B 387 21.27 -74.73 19.97
CA GLU B 387 22.41 -74.18 19.23
C GLU B 387 21.95 -73.47 17.97
N LYS B 388 20.94 -74.02 17.29
CA LYS B 388 20.32 -73.33 16.17
C LYS B 388 19.93 -71.90 16.54
N ILE B 389 19.32 -71.73 17.71
CA ILE B 389 18.81 -70.42 18.10
C ILE B 389 19.93 -69.46 18.40
N GLN B 390 21.07 -69.94 18.89
CA GLN B 390 22.18 -69.04 19.16
C GLN B 390 22.75 -68.48 17.86
N ASN B 391 22.96 -69.35 16.87
CA ASN B 391 23.45 -68.88 15.59
C ASN B 391 22.43 -67.97 14.90
N ASN B 392 21.14 -68.27 15.07
CA ASN B 392 20.08 -67.43 14.52
C ASN B 392 20.10 -66.05 15.15
N SER B 393 20.11 -66.01 16.48
CA SER B 393 20.27 -64.76 17.19
C SER B 393 21.53 -64.04 16.75
N LYS B 394 22.67 -64.74 16.76
CA LYS B 394 23.92 -64.08 16.42
C LYS B 394 23.87 -63.46 15.01
N LEU B 395 23.28 -64.15 14.03
CA LEU B 395 23.24 -63.60 12.68
C LEU B 395 22.35 -62.37 12.59
N LEU B 396 21.25 -62.36 13.35
CA LEU B 396 20.38 -61.18 13.37
C LEU B 396 21.04 -60.05 14.16
N ARG B 397 21.44 -60.34 15.39
CA ARG B 397 22.24 -59.44 16.22
C ARG B 397 23.31 -58.72 15.41
N ASN B 398 23.89 -59.40 14.41
CA ASN B 398 25.01 -58.85 13.66
C ASN B 398 24.58 -57.96 12.50
N LYS B 399 23.45 -58.28 11.86
CA LYS B 399 22.92 -57.38 10.84
C LYS B 399 22.39 -56.09 11.45
N ALA B 400 22.03 -56.10 12.73
CA ALA B 400 21.71 -54.85 13.42
C ALA B 400 22.93 -53.95 13.48
N VAL B 401 24.09 -54.52 13.82
CA VAL B 401 25.30 -53.74 13.96
C VAL B 401 25.78 -53.20 12.61
N GLN B 402 25.48 -53.91 11.52
CA GLN B 402 25.83 -53.39 10.21
C GLN B 402 24.90 -52.24 9.84
N LEU B 403 23.62 -52.33 10.20
CA LEU B 403 22.71 -51.23 9.99
C LEU B 403 23.07 -50.03 10.88
N GLU B 404 23.34 -50.28 12.15
CA GLU B 404 23.85 -49.21 13.02
C GLU B 404 25.00 -48.47 12.37
N ASN B 405 25.89 -49.19 11.70
CA ASN B 405 27.10 -48.57 11.17
C ASN B 405 26.77 -47.63 10.01
N GLU B 406 26.09 -48.15 8.98
CA GLU B 406 25.77 -47.30 7.83
C GLU B 406 24.68 -46.29 8.16
N LEU B 407 23.90 -46.50 9.21
CA LEU B 407 22.98 -45.45 9.65
C LEU B 407 23.73 -44.33 10.35
N GLU B 408 24.81 -44.65 11.07
CA GLU B 408 25.72 -43.61 11.53
C GLU B 408 26.44 -42.97 10.34
N ASN B 409 26.93 -43.80 9.42
CA ASN B 409 27.56 -43.30 8.20
C ASN B 409 26.69 -42.32 7.46
N PHE B 410 25.37 -42.47 7.58
CA PHE B 410 24.49 -41.44 7.04
C PHE B 410 24.68 -40.13 7.81
N THR B 411 24.60 -40.16 9.14
CA THR B 411 24.71 -38.94 9.93
C THR B 411 26.01 -38.19 9.64
N LYS B 412 27.14 -38.91 9.64
CA LYS B 412 28.41 -38.23 9.38
C LYS B 412 28.41 -37.50 8.03
N GLN B 413 27.67 -38.01 7.05
CA GLN B 413 27.64 -37.41 5.73
C GLN B 413 26.51 -36.38 5.56
N PHE B 414 25.39 -36.57 6.24
CA PHE B 414 24.22 -35.73 6.00
C PHE B 414 23.66 -35.06 7.26
N LEU B 415 24.30 -35.20 8.41
CA LEU B 415 23.93 -34.47 9.61
C LEU B 415 25.21 -34.14 10.39
N PRO B 416 26.04 -33.24 9.86
CA PRO B 416 27.33 -32.95 10.52
C PRO B 416 27.16 -32.09 11.77
N SER B 417 27.84 -32.49 12.84
CA SER B 417 27.92 -31.70 14.06
C SER B 417 29.12 -32.13 14.90
PB GDP C . 2.74 10.26 -2.37
O1B GDP C . 2.93 11.72 -2.68
O2B GDP C . 3.95 9.71 -1.66
O3B GDP C . 1.56 10.04 -1.46
O3A GDP C . 2.54 9.54 -3.79
PA GDP C . 3.79 9.68 -4.80
O1A GDP C . 3.62 10.76 -5.84
O2A GDP C . 5.03 9.94 -3.99
O5' GDP C . 3.81 8.28 -5.57
C5' GDP C . 4.44 7.15 -4.96
C4' GDP C . 4.85 6.16 -6.04
O4' GDP C . 3.71 5.79 -6.77
C3' GDP C . 5.76 6.83 -7.03
O3' GDP C . 6.91 5.97 -7.21
C2' GDP C . 4.99 6.95 -8.31
O2' GDP C . 5.87 6.64 -9.38
C1' GDP C . 3.95 5.89 -8.16
N9 GDP C . 2.65 6.20 -8.77
C8 GDP C . 1.83 7.21 -8.42
N7 GDP C . 0.68 7.16 -9.13
C5 GDP C . 0.75 6.09 -9.93
C6 GDP C . -0.12 5.45 -10.94
O6 GDP C . -1.23 5.93 -11.22
N1 GDP C . 0.31 4.34 -11.53
C2 GDP C . 1.50 3.79 -11.27
N2 GDP C . 1.79 2.68 -11.98
N3 GDP C . 2.36 4.29 -10.36
C4 GDP C . 2.04 5.42 -9.67
S1 DTT D . -3.14 22.95 -23.43
C1 DTT D . -1.97 24.28 -23.01
C2 DTT D . -2.09 24.73 -21.55
O2 DTT D . -1.17 25.77 -21.30
C3 DTT D . -1.85 23.57 -20.59
O3 DTT D . -0.58 23.67 -19.98
C4 DTT D . -2.92 23.56 -19.52
S4 DTT D . -4.58 23.73 -20.25
PB GDP E . 0.67 -10.22 -4.17
O1B GDP E . -0.64 -9.54 -4.46
O2B GDP E . 0.57 -11.69 -4.56
O3B GDP E . 1.03 -10.07 -2.69
O3A GDP E . 1.84 -9.60 -5.05
PA GDP E . 1.64 -9.44 -6.63
O1A GDP E . 0.25 -9.90 -7.03
O2A GDP E . 2.74 -10.11 -7.43
O5' GDP E . 1.82 -7.87 -6.85
C5' GDP E . 0.75 -7.06 -7.32
C4' GDP E . 1.33 -6.14 -8.36
O4' GDP E . 2.66 -5.80 -7.99
C3' GDP E . 1.44 -6.91 -9.66
O3' GDP E . 0.63 -6.28 -10.66
C2' GDP E . 2.91 -6.88 -10.02
O2' GDP E . 3.09 -6.66 -11.42
C1' GDP E . 3.45 -5.75 -9.17
N9 GDP E . 4.86 -5.97 -8.83
C8 GDP E . 5.34 -7.04 -8.17
N7 GDP E . 6.69 -6.93 -8.02
C5 GDP E . 7.08 -5.78 -8.57
C6 GDP E . 8.36 -5.04 -8.75
O6 GDP E . 9.43 -5.51 -8.33
N1 GDP E . 8.32 -3.86 -9.39
C2 GDP E . 7.18 -3.33 -9.87
N2 GDP E . 7.26 -2.13 -10.50
N3 GDP E . 5.98 -3.93 -9.73
C4 GDP E . 5.87 -5.14 -9.11
#